data_5F95
#
_entry.id   5F95
#
_cell.length_a   80.979
_cell.length_b   82.744
_cell.length_c   177.609
_cell.angle_alpha   90.00
_cell.angle_beta   90.00
_cell.angle_gamma   90.00
#
_symmetry.space_group_name_H-M   'P 21 21 21'
#
loop_
_entity.id
_entity.type
_entity.pdbx_description
1 polymer 'Glycogen synthase kinase-3 beta'
2 non-polymer 2-[(cyclopropylcarbonyl)amino]-N-(4-phenylpyridin-3-yl)pyridine-4-carboxamide
3 water water
#
_entity_poly.entity_id   1
_entity_poly.type   'polypeptide(L)'
_entity_poly.pdbx_seq_one_letter_code
;KVTTVVATPGQGPDRPQEVSYTDTKVIGNGSFGVVYQAKLCDSGELVAIKKVLQDKRFKNRELQIMRKLDHCNIVRLRYF
FYSSGEKKDEVYLNLVLDYVPETVYRVARHYSRAKQTLPVIYVKLYMYQLFRSLAYIHSFGICHRDIKPQNLLLDPDTAV
LKLCDFGSAKQLVRGEPNVSYICSRYYRAPELIFGATDYTSSIDVWSAGCVLAELLLGQPIFPGDSGVDQLVEIIKVLGT
PTREQIREMNPNYTEFKFPQIKAHPWTKVFRPRTPPEAIALCSRLLEYTPTARLTPLEACAHSFFDELRDPNVKLPNGRD
TPALFNFTTQELSSNPPLATILIPPHARIQ
;
_entity_poly.pdbx_strand_id   A,B
#
# COMPACT_ATOMS: atom_id res chain seq x y z
N LYS A 1 -9.89 36.81 9.17
CA LYS A 1 -11.17 36.92 9.86
C LYS A 1 -12.27 36.36 8.98
N VAL A 2 -12.99 37.25 8.30
CA VAL A 2 -14.07 36.82 7.42
C VAL A 2 -13.54 36.82 6.01
N THR A 3 -13.79 35.75 5.28
CA THR A 3 -13.39 35.63 3.90
C THR A 3 -14.65 35.67 3.03
N THR A 4 -14.66 36.53 2.02
CA THR A 4 -15.81 36.59 1.12
C THR A 4 -15.37 36.27 -0.31
N VAL A 5 -16.02 35.28 -0.92
CA VAL A 5 -15.72 34.91 -2.30
C VAL A 5 -17.00 34.85 -3.13
N VAL A 6 -16.84 34.86 -4.45
CA VAL A 6 -17.97 34.72 -5.34
C VAL A 6 -18.03 33.28 -5.84
N ALA A 7 -18.98 32.52 -5.30
CA ALA A 7 -19.04 31.08 -5.53
C ALA A 7 -20.27 30.66 -6.33
N THR A 8 -20.06 29.66 -7.17
CA THR A 8 -21.13 29.08 -7.96
C THR A 8 -21.81 27.97 -7.17
N PRO A 9 -23.15 28.02 -7.07
CA PRO A 9 -23.84 26.92 -6.38
C PRO A 9 -23.57 25.62 -7.12
N GLY A 10 -23.44 24.49 -6.42
CA GLY A 10 -23.08 23.25 -7.09
C GLY A 10 -24.24 22.80 -7.95
N GLN A 11 -25.35 22.52 -7.30
CA GLN A 11 -26.56 22.11 -8.00
C GLN A 11 -27.28 23.38 -8.49
N GLY A 12 -28.00 23.26 -9.59
CA GLY A 12 -28.73 24.39 -10.13
C GLY A 12 -28.08 25.17 -11.25
N PRO A 13 -28.64 26.35 -11.54
CA PRO A 13 -28.15 27.16 -12.65
C PRO A 13 -26.89 27.93 -12.29
N ASP A 14 -26.06 28.17 -13.29
CA ASP A 14 -24.76 28.75 -13.03
C ASP A 14 -24.91 30.24 -12.71
N ARG A 15 -25.41 30.54 -11.51
CA ARG A 15 -25.60 31.91 -11.07
C ARG A 15 -24.86 32.19 -9.76
N PRO A 16 -23.64 32.70 -9.87
CA PRO A 16 -22.71 32.86 -8.73
C PRO A 16 -23.21 33.84 -7.68
N GLN A 17 -22.82 33.60 -6.44
CA GLN A 17 -23.25 34.39 -5.28
C GLN A 17 -22.07 34.73 -4.38
N GLU A 18 -22.15 35.88 -3.73
CA GLU A 18 -21.14 36.24 -2.75
C GLU A 18 -21.38 35.35 -1.53
N VAL A 19 -20.35 34.61 -1.13
CA VAL A 19 -20.43 33.72 0.02
C VAL A 19 -19.30 34.07 0.99
N SER A 20 -19.64 34.20 2.27
CA SER A 20 -18.66 34.61 3.27
C SER A 20 -18.46 33.53 4.32
N TYR A 21 -17.23 33.37 4.78
CA TYR A 21 -16.93 32.35 5.78
C TYR A 21 -15.77 32.74 6.71
N THR A 22 -15.85 32.33 7.97
CA THR A 22 -14.81 32.63 8.97
C THR A 22 -14.23 31.34 9.58
N ASP A 23 -13.36 31.51 10.58
CA ASP A 23 -12.75 30.40 11.35
C ASP A 23 -12.16 29.32 10.48
N THR A 24 -11.57 29.72 9.37
CA THR A 24 -11.01 28.76 8.45
C THR A 24 -9.78 28.07 9.09
N LYS A 25 -9.75 26.74 9.04
CA LYS A 25 -8.58 25.99 9.52
C LYS A 25 -8.36 24.73 8.67
N VAL A 26 -7.14 24.20 8.68
CA VAL A 26 -6.80 23.01 7.87
C VAL A 26 -7.23 21.71 8.53
N ILE A 27 -7.77 20.77 7.76
CA ILE A 27 -8.21 19.50 8.33
C ILE A 27 -7.81 18.33 7.44
N GLY A 28 -6.82 18.55 6.59
CA GLY A 28 -6.45 17.52 5.64
C GLY A 28 -5.45 17.99 4.62
N ASN A 29 -4.46 17.14 4.36
CA ASN A 29 -3.44 17.37 3.35
C ASN A 29 -3.18 16.08 2.60
N GLY A 30 -2.99 16.15 1.29
CA GLY A 30 -2.79 14.94 0.51
C GLY A 30 -2.34 15.16 -0.91
N SER A 31 -2.24 14.08 -1.68
CA SER A 31 -1.82 14.15 -3.08
C SER A 31 -2.71 15.12 -3.86
N PHE A 32 -3.99 15.12 -3.52
CA PHE A 32 -5.00 15.97 -4.14
C PHE A 32 -4.78 17.47 -3.93
N GLY A 33 -4.37 17.83 -2.72
CA GLY A 33 -4.30 19.21 -2.31
C GLY A 33 -4.59 19.31 -0.82
N VAL A 34 -5.35 20.33 -0.43
CA VAL A 34 -5.56 20.55 0.99
C VAL A 34 -7.05 20.77 1.25
N VAL A 35 -7.57 20.16 2.32
CA VAL A 35 -8.94 20.42 2.70
C VAL A 35 -8.98 21.36 3.90
N TYR A 36 -9.84 22.38 3.83
CA TYR A 36 -10.02 23.28 4.96
C TYR A 36 -11.37 23.05 5.58
N GLN A 37 -11.55 23.54 6.79
CA GLN A 37 -12.88 23.68 7.35
C GLN A 37 -13.10 25.13 7.71
N ALA A 38 -14.28 25.64 7.43
CA ALA A 38 -14.66 27.00 7.80
C ALA A 38 -16.15 27.07 8.15
N LYS A 39 -16.56 28.17 8.75
CA LYS A 39 -17.95 28.39 9.10
C LYS A 39 -18.54 29.44 8.18
N LEU A 40 -19.68 29.12 7.57
CA LEU A 40 -20.43 30.08 6.75
C LEU A 40 -21.04 31.15 7.64
N CYS A 41 -20.92 32.40 7.22
CA CYS A 41 -21.38 33.52 8.03
C CYS A 41 -22.89 33.68 8.01
N ASP A 42 -23.49 33.37 6.87
CA ASP A 42 -24.90 33.67 6.67
C ASP A 42 -25.79 32.56 7.22
N SER A 43 -25.16 31.50 7.74
CA SER A 43 -25.92 30.33 8.19
C SER A 43 -25.38 29.78 9.49
N GLY A 44 -24.07 29.92 9.70
CA GLY A 44 -23.41 29.29 10.83
C GLY A 44 -22.98 27.87 10.49
N GLU A 45 -23.42 27.37 9.33
CA GLU A 45 -23.11 26.01 8.90
C GLU A 45 -21.62 25.80 8.72
N LEU A 46 -21.13 24.64 9.16
CA LEU A 46 -19.74 24.26 8.96
C LEU A 46 -19.58 23.72 7.54
N VAL A 47 -18.47 24.04 6.89
CA VAL A 47 -18.20 23.47 5.58
C VAL A 47 -16.81 22.91 5.49
N ALA A 48 -16.60 22.00 4.55
CA ALA A 48 -15.26 21.58 4.19
C ALA A 48 -14.95 22.14 2.80
N ILE A 49 -13.79 22.78 2.67
CA ILE A 49 -13.34 23.32 1.40
C ILE A 49 -12.14 22.54 0.89
N LYS A 50 -12.33 21.85 -0.24
CA LYS A 50 -11.27 21.06 -0.84
C LYS A 50 -10.61 21.87 -1.95
N LYS A 51 -9.33 22.19 -1.76
CA LYS A 51 -8.61 23.05 -2.68
C LYS A 51 -7.66 22.20 -3.52
N VAL A 52 -7.83 22.25 -4.84
CA VAL A 52 -7.00 21.48 -5.77
C VAL A 52 -6.46 22.38 -6.89
N LEU A 53 -5.31 22.00 -7.47
CA LEU A 53 -4.78 22.74 -8.60
C LEU A 53 -5.67 22.42 -9.81
N GLN A 54 -6.03 23.45 -10.57
CA GLN A 54 -6.91 23.26 -11.72
C GLN A 54 -6.13 23.04 -13.00
N ASP A 55 -6.33 21.87 -13.61
CA ASP A 55 -5.71 21.54 -14.88
C ASP A 55 -6.09 22.58 -15.90
N LYS A 56 -5.10 23.31 -16.40
CA LYS A 56 -5.36 24.36 -17.38
C LYS A 56 -6.03 23.82 -18.65
N ARG A 57 -5.65 22.59 -19.04
CA ARG A 57 -6.09 21.99 -20.28
C ARG A 57 -7.58 21.62 -20.26
N PHE A 58 -7.96 20.76 -19.33
CA PHE A 58 -9.33 20.22 -19.33
C PHE A 58 -10.18 20.70 -18.14
N LYS A 59 -11.46 20.38 -18.19
CA LYS A 59 -12.32 20.67 -17.06
C LYS A 59 -12.00 19.69 -15.95
N ASN A 60 -12.26 20.09 -14.72
CA ASN A 60 -12.04 19.20 -13.59
C ASN A 60 -13.11 18.12 -13.56
N ARG A 61 -12.68 16.86 -13.55
CA ARG A 61 -13.58 15.72 -13.61
C ARG A 61 -14.40 15.56 -12.33
N GLU A 62 -13.74 15.73 -11.18
CA GLU A 62 -14.43 15.64 -9.91
C GLU A 62 -15.59 16.63 -9.77
N LEU A 63 -15.34 17.87 -10.20
CA LEU A 63 -16.36 18.90 -10.13
C LEU A 63 -17.53 18.48 -11.03
N GLN A 64 -17.24 18.03 -12.26
CA GLN A 64 -18.31 17.69 -13.16
C GLN A 64 -19.11 16.49 -12.67
N ILE A 65 -18.49 15.57 -11.94
CA ILE A 65 -19.21 14.41 -11.41
C ILE A 65 -20.07 14.84 -10.23
N MET A 66 -19.49 15.66 -9.36
CA MET A 66 -20.18 16.05 -8.15
C MET A 66 -21.36 16.97 -8.39
N ARG A 67 -21.31 17.69 -9.51
CA ARG A 67 -22.39 18.58 -9.88
C ARG A 67 -23.61 17.80 -10.38
N LYS A 68 -23.42 16.53 -10.72
CA LYS A 68 -24.48 15.68 -11.23
C LYS A 68 -25.10 14.85 -10.13
N LEU A 69 -24.54 14.92 -8.93
CA LEU A 69 -24.96 14.01 -7.85
C LEU A 69 -25.87 14.67 -6.83
N ASP A 70 -26.92 13.94 -6.48
CA ASP A 70 -27.93 14.37 -5.52
C ASP A 70 -28.48 13.14 -4.79
N HIS A 71 -27.99 12.85 -3.59
CA HIS A 71 -28.42 11.66 -2.87
C HIS A 71 -28.06 11.81 -1.40
N CYS A 72 -28.87 11.24 -0.51
CA CYS A 72 -28.75 11.55 0.91
C CYS A 72 -27.51 10.89 1.54
N ASN A 73 -26.92 9.94 0.82
CA ASN A 73 -25.71 9.27 1.28
C ASN A 73 -24.45 9.63 0.48
N ILE A 74 -24.48 10.74 -0.23
CA ILE A 74 -23.28 11.29 -0.88
C ILE A 74 -23.07 12.71 -0.40
N VAL A 75 -21.84 13.06 -0.06
CA VAL A 75 -21.56 14.40 0.47
C VAL A 75 -21.95 15.46 -0.52
N ARG A 76 -22.53 16.55 -0.02
CA ARG A 76 -23.11 17.56 -0.91
C ARG A 76 -22.16 18.69 -1.27
N LEU A 77 -22.07 18.96 -2.56
CA LEU A 77 -21.36 20.14 -3.01
C LEU A 77 -22.27 21.35 -2.85
N ARG A 78 -21.98 22.21 -1.87
CA ARG A 78 -22.78 23.42 -1.68
C ARG A 78 -22.39 24.54 -2.65
N TYR A 79 -21.09 24.78 -2.78
CA TYR A 79 -20.60 25.75 -3.75
C TYR A 79 -19.28 25.30 -4.32
N PHE A 80 -18.82 26.00 -5.34
CA PHE A 80 -17.44 25.87 -5.78
C PHE A 80 -16.97 27.21 -6.31
N PHE A 81 -15.67 27.45 -6.24
CA PHE A 81 -15.11 28.71 -6.72
C PHE A 81 -13.62 28.58 -7.03
N TYR A 82 -13.04 29.62 -7.63
CA TYR A 82 -11.65 29.59 -8.02
C TYR A 82 -10.77 30.61 -7.27
N SER A 83 -9.56 30.19 -6.90
CA SER A 83 -8.67 31.05 -6.12
C SER A 83 -7.24 30.94 -6.62
N SER A 84 -6.39 31.84 -6.11
CA SER A 84 -4.97 31.75 -6.35
C SER A 84 -4.35 31.07 -5.14
N GLY A 85 -3.02 31.04 -5.08
CA GLY A 85 -2.36 30.59 -3.87
C GLY A 85 -1.38 29.45 -4.08
N GLU A 86 -0.11 29.81 -4.28
CA GLU A 86 1.02 28.90 -4.46
C GLU A 86 1.18 28.41 -5.90
N LYS A 87 1.86 27.27 -6.04
CA LYS A 87 2.32 26.76 -7.33
C LYS A 87 3.20 27.76 -8.07
N LYS A 88 2.67 28.32 -9.16
CA LYS A 88 3.39 29.29 -9.99
C LYS A 88 2.41 29.94 -10.99
N ASP A 89 1.61 30.89 -10.51
CA ASP A 89 0.63 31.64 -11.31
C ASP A 89 -0.57 30.76 -11.61
N GLU A 90 -0.82 29.76 -10.78
CA GLU A 90 -1.80 28.77 -11.18
C GLU A 90 -3.19 28.98 -10.57
N VAL A 91 -4.18 28.33 -11.17
CA VAL A 91 -5.56 28.48 -10.77
C VAL A 91 -5.92 27.30 -9.88
N TYR A 92 -6.65 27.59 -8.80
CA TYR A 92 -7.08 26.55 -7.87
C TYR A 92 -8.58 26.40 -7.88
N LEU A 93 -9.04 25.15 -7.91
CA LEU A 93 -10.45 24.86 -7.78
C LEU A 93 -10.78 24.59 -6.32
N ASN A 94 -11.80 25.28 -5.79
CA ASN A 94 -12.21 25.05 -4.42
C ASN A 94 -13.61 24.44 -4.39
N LEU A 95 -13.69 23.19 -3.91
CA LEU A 95 -14.98 22.54 -3.80
C LEU A 95 -15.47 22.73 -2.37
N VAL A 96 -16.61 23.41 -2.21
CA VAL A 96 -17.16 23.70 -0.89
C VAL A 96 -18.23 22.69 -0.51
N LEU A 97 -17.94 21.87 0.49
CA LEU A 97 -18.81 20.75 0.82
C LEU A 97 -19.41 20.87 2.22
N ASP A 98 -20.57 20.27 2.41
CA ASP A 98 -21.14 20.07 3.74
C ASP A 98 -20.14 19.39 4.66
N TYR A 99 -19.87 19.96 5.81
CA TYR A 99 -18.94 19.32 6.74
C TYR A 99 -19.60 18.19 7.53
N VAL A 100 -19.01 17.01 7.46
CA VAL A 100 -19.43 15.86 8.26
C VAL A 100 -18.29 15.53 9.26
N PRO A 101 -18.60 15.47 10.57
CA PRO A 101 -17.59 15.47 11.64
C PRO A 101 -16.82 14.17 11.84
N GLU A 102 -17.26 13.05 11.28
CA GLU A 102 -16.61 11.78 11.56
C GLU A 102 -16.44 10.92 10.31
N THR A 103 -15.66 9.86 10.44
CA THR A 103 -15.47 8.89 9.34
C THR A 103 -15.50 7.49 9.88
N VAL A 104 -15.75 6.49 9.03
CA VAL A 104 -15.73 5.13 9.53
C VAL A 104 -14.34 4.77 10.06
N TYR A 105 -13.29 5.30 9.43
CA TYR A 105 -11.92 5.08 9.87
C TYR A 105 -11.72 5.50 11.33
N ARG A 106 -12.00 6.77 11.64
CA ARG A 106 -11.81 7.23 13.01
C ARG A 106 -12.67 6.44 14.00
N VAL A 107 -13.90 6.11 13.62
CA VAL A 107 -14.81 5.42 14.53
C VAL A 107 -14.42 3.97 14.71
N ALA A 108 -14.04 3.33 13.62
CA ALA A 108 -13.56 1.94 13.70
C ALA A 108 -12.33 1.84 14.59
N ARG A 109 -11.50 2.87 14.52
CA ARG A 109 -10.23 2.90 15.23
C ARG A 109 -10.47 3.11 16.71
N HIS A 110 -11.49 3.88 17.05
CA HIS A 110 -11.84 4.08 18.46
C HIS A 110 -12.21 2.73 19.04
N TYR A 111 -13.06 2.00 18.33
CA TYR A 111 -13.51 0.72 18.84
C TYR A 111 -12.40 -0.33 18.91
N SER A 112 -11.56 -0.40 17.88
CA SER A 112 -10.45 -1.37 17.87
C SER A 112 -9.45 -1.06 18.98
N ARG A 113 -9.12 0.21 19.17
CA ARG A 113 -8.17 0.61 20.21
C ARG A 113 -8.77 0.50 21.61
N ALA A 114 -10.10 0.41 21.69
CA ALA A 114 -10.78 0.20 22.96
C ALA A 114 -11.11 -1.26 23.13
N LYS A 115 -10.71 -2.05 22.14
CA LYS A 115 -10.92 -3.50 22.11
C LYS A 115 -12.39 -3.99 22.12
N GLN A 116 -13.37 -3.12 21.85
CA GLN A 116 -14.72 -3.60 21.51
C GLN A 116 -14.95 -3.68 20.02
N THR A 117 -16.10 -4.22 19.63
CA THR A 117 -16.48 -4.22 18.23
C THR A 117 -17.53 -3.14 18.03
N LEU A 118 -17.57 -2.56 16.83
CA LEU A 118 -18.64 -1.62 16.51
C LEU A 118 -19.94 -2.42 16.50
N PRO A 119 -20.94 -1.99 17.30
CA PRO A 119 -22.24 -2.67 17.39
C PRO A 119 -22.84 -2.91 16.00
N VAL A 120 -23.38 -4.11 15.80
CA VAL A 120 -23.87 -4.54 14.50
C VAL A 120 -24.92 -3.60 13.92
N ILE A 121 -25.69 -2.95 14.77
CA ILE A 121 -26.73 -2.09 14.24
C ILE A 121 -26.11 -0.92 13.51
N TYR A 122 -24.94 -0.49 13.95
CA TYR A 122 -24.18 0.53 13.23
C TYR A 122 -23.59 -0.08 11.96
N VAL A 123 -23.15 -1.34 12.02
CA VAL A 123 -22.63 -1.98 10.83
C VAL A 123 -23.75 -2.07 9.78
N LYS A 124 -24.94 -2.46 10.20
CA LYS A 124 -26.12 -2.47 9.32
C LYS A 124 -26.42 -1.09 8.75
N LEU A 125 -26.54 -0.10 9.62
CA LEU A 125 -26.88 1.26 9.20
C LEU A 125 -25.85 1.80 8.22
N TYR A 126 -24.56 1.69 8.56
CA TYR A 126 -23.48 2.26 7.75
C TYR A 126 -23.34 1.50 6.43
N MET A 127 -23.29 0.17 6.50
CA MET A 127 -23.14 -0.61 5.27
C MET A 127 -24.33 -0.43 4.31
N TYR A 128 -25.54 -0.41 4.85
CA TYR A 128 -26.71 -0.19 4.02
C TYR A 128 -26.60 1.12 3.25
N GLN A 129 -26.23 2.18 3.95
CA GLN A 129 -26.15 3.48 3.30
C GLN A 129 -25.03 3.56 2.28
N LEU A 130 -23.93 2.85 2.53
CA LEU A 130 -22.84 2.80 1.55
C LEU A 130 -23.35 2.13 0.30
N PHE A 131 -24.06 1.02 0.47
CA PHE A 131 -24.59 0.32 -0.69
C PHE A 131 -25.60 1.19 -1.42
N ARG A 132 -26.37 2.01 -0.72
CA ARG A 132 -27.28 2.91 -1.42
C ARG A 132 -26.50 3.91 -2.28
N SER A 133 -25.47 4.56 -1.72
CA SER A 133 -24.73 5.57 -2.50
C SER A 133 -24.13 4.94 -3.75
N LEU A 134 -23.64 3.70 -3.61
CA LEU A 134 -23.11 2.98 -4.77
C LEU A 134 -24.22 2.67 -5.80
N ALA A 135 -25.38 2.23 -5.34
CA ALA A 135 -26.50 1.94 -6.25
C ALA A 135 -26.76 3.16 -7.09
N TYR A 136 -26.72 4.31 -6.42
CA TYR A 136 -26.99 5.57 -7.07
C TYR A 136 -25.93 5.89 -8.11
N ILE A 137 -24.66 6.05 -7.68
CA ILE A 137 -23.61 6.44 -8.62
C ILE A 137 -23.45 5.38 -9.68
N HIS A 138 -23.59 4.12 -9.32
CA HIS A 138 -23.44 3.12 -10.37
C HIS A 138 -24.52 3.28 -11.45
N SER A 139 -25.74 3.70 -11.08
CA SER A 139 -26.81 3.84 -12.07
C SER A 139 -26.44 4.87 -13.16
N PHE A 140 -25.48 5.74 -12.88
CA PHE A 140 -24.96 6.66 -13.87
C PHE A 140 -23.75 6.09 -14.62
N GLY A 141 -23.31 4.90 -14.22
CA GLY A 141 -22.11 4.31 -14.79
C GLY A 141 -20.84 4.86 -14.14
N ILE A 142 -21.01 5.68 -13.11
CA ILE A 142 -19.88 6.23 -12.36
C ILE A 142 -19.39 5.26 -11.29
N CYS A 143 -18.11 4.90 -11.36
CA CYS A 143 -17.45 4.07 -10.36
C CYS A 143 -16.53 4.91 -9.49
N HIS A 144 -16.64 4.74 -8.17
CA HIS A 144 -15.90 5.56 -7.23
C HIS A 144 -14.37 5.33 -7.25
N ARG A 145 -14.01 4.04 -7.23
CA ARG A 145 -12.66 3.54 -7.42
C ARG A 145 -11.68 3.80 -6.26
N ASP A 146 -12.20 4.32 -5.16
CA ASP A 146 -11.37 4.46 -3.97
C ASP A 146 -12.23 4.36 -2.72
N ILE A 147 -13.06 3.32 -2.67
CA ILE A 147 -13.91 3.08 -1.51
C ILE A 147 -13.09 2.51 -0.37
N LYS A 148 -13.06 3.22 0.76
CA LYS A 148 -12.26 2.83 1.92
C LYS A 148 -12.81 3.59 3.12
N PRO A 149 -12.48 3.16 4.35
CA PRO A 149 -13.07 3.78 5.55
C PRO A 149 -12.89 5.26 5.68
N GLN A 150 -11.82 5.82 5.13
CA GLN A 150 -11.58 7.24 5.34
C GLN A 150 -12.51 8.08 4.45
N ASN A 151 -13.07 7.46 3.41
CA ASN A 151 -13.97 8.16 2.50
C ASN A 151 -15.43 7.97 2.84
N LEU A 152 -15.71 7.35 3.98
CA LEU A 152 -17.08 7.18 4.44
C LEU A 152 -17.36 8.11 5.65
N LEU A 153 -17.94 9.27 5.37
CA LEU A 153 -18.22 10.27 6.40
C LEU A 153 -19.39 9.86 7.30
N LEU A 154 -19.36 10.26 8.57
CA LEU A 154 -20.38 9.87 9.54
C LEU A 154 -20.84 11.03 10.41
N ASP A 155 -22.14 11.11 10.64
CA ASP A 155 -22.66 11.97 11.70
C ASP A 155 -23.16 11.06 12.82
N PRO A 156 -22.40 10.96 13.92
CA PRO A 156 -22.68 9.96 14.94
C PRO A 156 -24.01 10.20 15.68
N ASP A 157 -24.52 11.42 15.65
CA ASP A 157 -25.85 11.67 16.22
C ASP A 157 -26.99 11.11 15.36
N THR A 158 -26.92 11.34 14.04
CA THR A 158 -27.96 10.90 13.12
C THR A 158 -27.73 9.53 12.46
N ALA A 159 -26.54 8.98 12.64
CA ALA A 159 -26.17 7.73 11.98
C ALA A 159 -26.20 7.84 10.46
N VAL A 160 -26.00 9.05 9.96
CA VAL A 160 -25.96 9.22 8.51
C VAL A 160 -24.55 9.00 7.97
N LEU A 161 -24.46 8.21 6.91
CA LEU A 161 -23.21 8.01 6.22
C LEU A 161 -23.23 8.80 4.92
N LYS A 162 -22.09 9.40 4.61
CA LYS A 162 -21.94 10.04 3.33
C LYS A 162 -20.60 9.70 2.69
N LEU A 163 -20.71 9.24 1.46
CA LEU A 163 -19.56 8.89 0.64
C LEU A 163 -18.92 10.18 0.15
N CYS A 164 -17.61 10.29 0.27
CA CYS A 164 -16.93 11.48 -0.23
C CYS A 164 -15.74 11.13 -1.09
N ASP A 165 -14.98 12.16 -1.45
CA ASP A 165 -13.81 12.03 -2.31
C ASP A 165 -14.10 11.33 -3.62
N PHE A 166 -14.54 12.10 -4.61
CA PHE A 166 -14.73 11.56 -5.93
C PHE A 166 -13.55 11.92 -6.83
N GLY A 167 -12.40 12.20 -6.20
CA GLY A 167 -11.20 12.49 -6.96
C GLY A 167 -10.79 11.37 -7.92
N SER A 168 -11.08 10.12 -7.58
CA SER A 168 -10.69 9.00 -8.44
C SER A 168 -11.87 8.46 -9.25
N ALA A 169 -13.05 9.03 -9.02
CA ALA A 169 -14.28 8.51 -9.62
C ALA A 169 -14.26 8.77 -11.10
N LYS A 170 -14.80 7.83 -11.86
CA LYS A 170 -14.85 7.94 -13.33
C LYS A 170 -16.00 7.12 -13.90
N GLN A 171 -16.53 7.57 -15.04
CA GLN A 171 -17.52 6.77 -15.75
C GLN A 171 -16.92 5.65 -16.59
N LEU A 172 -17.35 4.43 -16.30
CA LEU A 172 -16.84 3.23 -16.94
C LEU A 172 -17.71 2.74 -18.10
N VAL A 173 -17.17 2.89 -19.30
CA VAL A 173 -17.78 2.46 -20.56
C VAL A 173 -17.19 1.14 -21.06
N ARG A 174 -18.05 0.22 -21.48
CA ARG A 174 -17.61 -1.08 -21.97
C ARG A 174 -16.70 -0.84 -23.17
N GLY A 175 -15.55 -1.49 -23.16
CA GLY A 175 -14.62 -1.36 -24.28
C GLY A 175 -13.63 -0.22 -24.12
N GLU A 176 -13.91 0.68 -23.18
CA GLU A 176 -12.94 1.70 -22.89
C GLU A 176 -12.05 1.17 -21.79
N PRO A 177 -10.74 1.31 -21.96
CA PRO A 177 -9.83 0.80 -20.94
C PRO A 177 -9.62 1.83 -19.85
N ASN A 178 -9.25 1.35 -18.67
CA ASN A 178 -9.07 2.20 -17.51
C ASN A 178 -7.89 1.74 -16.70
N VAL A 179 -7.25 2.69 -16.03
CA VAL A 179 -6.02 2.43 -15.31
C VAL A 179 -6.31 1.46 -14.18
N SER A 180 -5.37 0.55 -13.91
CA SER A 180 -5.64 -0.45 -12.89
C SER A 180 -5.11 -0.01 -11.55
N TYR A 181 -4.35 1.08 -11.54
CA TYR A 181 -3.62 1.45 -10.33
C TYR A 181 -4.46 2.37 -9.45
N ILE A 182 -5.78 2.21 -9.55
CA ILE A 182 -6.67 2.95 -8.68
C ILE A 182 -6.87 2.14 -7.40
N CYS A 183 -7.45 2.75 -6.39
CA CYS A 183 -7.83 2.03 -5.20
C CYS A 183 -6.70 1.82 -4.24
N SER A 184 -7.03 1.70 -2.97
CA SER A 184 -6.08 1.78 -1.90
C SER A 184 -5.77 0.49 -1.22
N ARG A 185 -4.65 0.48 -0.52
CA ARG A 185 -4.14 -0.64 0.27
C ARG A 185 -5.01 -1.88 0.39
N TYR A 186 -5.79 -1.96 1.43
CA TYR A 186 -6.48 -3.20 1.75
C TYR A 186 -7.76 -3.48 0.97
N TYR A 187 -8.11 -2.61 0.05
CA TYR A 187 -9.46 -2.58 -0.50
C TYR A 187 -9.48 -2.82 -2.00
N ARG A 188 -8.32 -3.06 -2.57
CA ARG A 188 -8.22 -3.37 -3.99
C ARG A 188 -8.81 -4.75 -4.27
N ALA A 189 -9.69 -4.83 -5.28
CA ALA A 189 -10.17 -6.12 -5.80
C ALA A 189 -9.05 -6.89 -6.48
N PRO A 190 -9.11 -8.24 -6.45
CA PRO A 190 -8.05 -9.05 -7.07
C PRO A 190 -7.79 -8.71 -8.51
N GLU A 191 -8.83 -8.38 -9.27
CA GLU A 191 -8.59 -8.06 -10.67
C GLU A 191 -7.75 -6.76 -10.79
N LEU A 192 -7.75 -5.88 -9.79
CA LEU A 192 -6.87 -4.70 -9.83
C LEU A 192 -5.40 -5.10 -9.56
N ILE A 193 -5.21 -5.87 -8.49
CA ILE A 193 -3.91 -6.39 -8.11
C ILE A 193 -3.27 -7.13 -9.30
N PHE A 194 -4.09 -7.88 -10.02
CA PHE A 194 -3.62 -8.57 -11.21
C PHE A 194 -3.43 -7.60 -12.38
N GLY A 195 -3.80 -6.34 -12.18
CA GLY A 195 -3.61 -5.31 -13.20
C GLY A 195 -4.58 -5.30 -14.38
N ALA A 196 -5.83 -5.74 -14.17
CA ALA A 196 -6.86 -5.67 -15.20
C ALA A 196 -7.20 -4.23 -15.61
N THR A 197 -7.40 -4.01 -16.90
CA THR A 197 -7.75 -2.70 -17.43
C THR A 197 -9.23 -2.65 -17.86
N ASP A 198 -9.89 -3.80 -17.76
CA ASP A 198 -11.26 -3.99 -18.23
C ASP A 198 -12.21 -4.23 -17.07
N TYR A 199 -11.85 -3.71 -15.90
CA TYR A 199 -12.61 -3.99 -14.71
C TYR A 199 -13.95 -3.26 -14.77
N THR A 200 -14.89 -3.70 -13.94
CA THR A 200 -16.21 -3.07 -13.95
C THR A 200 -16.47 -2.37 -12.64
N SER A 201 -17.68 -1.86 -12.52
CA SER A 201 -18.05 -1.11 -11.34
C SER A 201 -18.17 -1.98 -10.09
N SER A 202 -18.09 -3.30 -10.25
CA SER A 202 -18.09 -4.18 -9.08
C SER A 202 -16.80 -4.10 -8.23
N ILE A 203 -15.74 -3.44 -8.72
CA ILE A 203 -14.57 -3.23 -7.85
C ILE A 203 -14.99 -2.49 -6.57
N ASP A 204 -15.91 -1.53 -6.70
CA ASP A 204 -16.44 -0.78 -5.56
C ASP A 204 -17.10 -1.73 -4.57
N VAL A 205 -17.78 -2.73 -5.10
CA VAL A 205 -18.47 -3.70 -4.26
C VAL A 205 -17.49 -4.62 -3.51
N TRP A 206 -16.43 -5.04 -4.18
CA TRP A 206 -15.34 -5.75 -3.48
C TRP A 206 -14.84 -4.93 -2.30
N SER A 207 -14.48 -3.68 -2.58
CA SER A 207 -14.03 -2.75 -1.55
C SER A 207 -15.02 -2.67 -0.39
N ALA A 208 -16.29 -2.49 -0.73
CA ALA A 208 -17.34 -2.36 0.29
C ALA A 208 -17.35 -3.60 1.17
N GLY A 209 -17.25 -4.76 0.52
CA GLY A 209 -17.07 -6.01 1.24
C GLY A 209 -15.89 -6.02 2.22
N CYS A 210 -14.78 -5.39 1.84
CA CYS A 210 -13.62 -5.30 2.74
C CYS A 210 -13.91 -4.43 3.94
N VAL A 211 -14.64 -3.34 3.72
CA VAL A 211 -15.08 -2.50 4.85
C VAL A 211 -15.98 -3.31 5.82
N LEU A 212 -16.95 -4.03 5.28
CA LEU A 212 -17.85 -4.83 6.12
C LEU A 212 -17.11 -5.86 6.98
N ALA A 213 -16.21 -6.62 6.38
CA ALA A 213 -15.45 -7.61 7.13
C ALA A 213 -14.67 -6.92 8.25
N GLU A 214 -14.04 -5.80 7.90
CA GLU A 214 -13.22 -5.05 8.83
C GLU A 214 -14.04 -4.54 9.99
N LEU A 215 -15.24 -4.04 9.72
CA LEU A 215 -16.08 -3.59 10.82
C LEU A 215 -16.42 -4.78 11.72
N LEU A 216 -16.55 -5.98 11.15
CA LEU A 216 -16.87 -7.20 11.92
C LEU A 216 -15.67 -7.77 12.65
N LEU A 217 -14.51 -7.74 11.99
CA LEU A 217 -13.32 -8.34 12.53
C LEU A 217 -12.60 -7.42 13.51
N GLY A 218 -12.64 -6.12 13.27
CA GLY A 218 -11.93 -5.19 14.13
C GLY A 218 -10.57 -4.84 13.53
N GLN A 219 -10.32 -5.38 12.34
CA GLN A 219 -9.07 -5.17 11.62
C GLN A 219 -9.33 -5.50 10.15
N PRO A 220 -8.46 -5.03 9.24
CA PRO A 220 -8.67 -5.33 7.82
C PRO A 220 -8.68 -6.82 7.54
N ILE A 221 -9.41 -7.27 6.53
CA ILE A 221 -9.52 -8.70 6.29
C ILE A 221 -8.38 -9.15 5.40
N PHE A 222 -7.91 -8.27 4.52
CA PHE A 222 -6.81 -8.59 3.60
C PHE A 222 -5.63 -7.60 3.66
N PRO A 223 -4.87 -7.59 4.77
CA PRO A 223 -3.73 -6.67 4.92
C PRO A 223 -2.51 -7.04 4.08
N GLY A 224 -1.57 -6.10 3.94
CA GLY A 224 -0.33 -6.34 3.21
C GLY A 224 0.13 -5.08 2.49
N ASP A 225 1.43 -4.82 2.45
CA ASP A 225 1.89 -3.59 1.80
C ASP A 225 2.26 -3.80 0.34
N SER A 226 2.20 -5.05 -0.10
CA SER A 226 2.37 -5.35 -1.51
C SER A 226 1.19 -6.19 -2.03
N GLY A 227 1.00 -6.21 -3.34
CA GLY A 227 -0.06 -7.00 -3.95
C GLY A 227 0.08 -8.46 -3.59
N VAL A 228 1.31 -8.93 -3.58
CA VAL A 228 1.62 -10.32 -3.28
C VAL A 228 1.12 -10.73 -1.89
N ASP A 229 1.33 -9.85 -0.91
CA ASP A 229 0.89 -10.14 0.45
C ASP A 229 -0.64 -10.14 0.52
N GLN A 230 -1.24 -9.11 -0.10
CA GLN A 230 -2.68 -8.97 -0.13
C GLN A 230 -3.29 -10.21 -0.78
N LEU A 231 -2.67 -10.65 -1.86
CA LEU A 231 -3.18 -11.79 -2.62
C LEU A 231 -3.12 -13.08 -1.78
N VAL A 232 -2.01 -13.26 -1.07
CA VAL A 232 -1.85 -14.40 -0.18
C VAL A 232 -2.90 -14.38 0.92
N GLU A 233 -3.17 -13.20 1.48
CA GLU A 233 -4.20 -13.09 2.50
C GLU A 233 -5.59 -13.41 1.92
N ILE A 234 -5.82 -13.01 0.67
CA ILE A 234 -7.07 -13.27 -0.01
C ILE A 234 -7.29 -14.76 -0.25
N ILE A 235 -6.25 -15.44 -0.74
CA ILE A 235 -6.31 -16.87 -1.00
C ILE A 235 -6.49 -17.65 0.29
N LYS A 236 -6.05 -17.10 1.41
CA LYS A 236 -6.18 -17.84 2.65
C LYS A 236 -7.66 -17.92 3.07
N VAL A 237 -8.48 -17.00 2.61
CA VAL A 237 -9.91 -17.02 2.95
C VAL A 237 -10.71 -17.68 1.83
N LEU A 238 -10.61 -17.12 0.64
CA LEU A 238 -11.34 -17.57 -0.54
C LEU A 238 -10.80 -18.86 -1.12
N GLY A 239 -9.61 -19.27 -0.71
CA GLY A 239 -9.00 -20.46 -1.28
C GLY A 239 -8.37 -20.12 -2.60
N THR A 240 -7.70 -21.11 -3.21
CA THR A 240 -7.00 -20.87 -4.46
C THR A 240 -8.00 -20.70 -5.60
N PRO A 241 -7.90 -19.59 -6.35
CA PRO A 241 -8.85 -19.34 -7.45
C PRO A 241 -8.68 -20.36 -8.57
N THR A 242 -9.76 -20.71 -9.26
CA THR A 242 -9.70 -21.68 -10.36
C THR A 242 -9.25 -21.06 -11.70
N ARG A 243 -8.96 -21.92 -12.68
CA ARG A 243 -8.50 -21.45 -13.99
C ARG A 243 -9.51 -20.52 -14.62
N GLU A 244 -10.78 -20.91 -14.53
CA GLU A 244 -11.87 -20.06 -14.99
C GLU A 244 -11.85 -18.76 -14.19
N GLN A 245 -11.83 -18.88 -12.86
CA GLN A 245 -11.82 -17.71 -11.98
C GLN A 245 -10.65 -16.76 -12.28
N ILE A 246 -9.47 -17.32 -12.58
CA ILE A 246 -8.32 -16.50 -12.93
C ILE A 246 -8.58 -15.80 -14.25
N ARG A 247 -9.09 -16.54 -15.23
CA ARG A 247 -9.37 -15.97 -16.55
C ARG A 247 -10.32 -14.78 -16.46
N GLU A 248 -11.35 -14.89 -15.61
CA GLU A 248 -12.35 -13.84 -15.44
C GLU A 248 -11.74 -12.55 -14.86
N MET A 249 -10.52 -12.64 -14.33
CA MET A 249 -9.82 -11.45 -13.87
C MET A 249 -8.63 -11.04 -14.75
N ASN A 250 -8.00 -12.01 -15.40
CA ASN A 250 -6.73 -11.77 -16.10
C ASN A 250 -5.97 -13.00 -16.67
N PRO A 251 -4.98 -12.74 -17.55
CA PRO A 251 -3.83 -13.45 -18.14
C PRO A 251 -2.96 -14.18 -17.06
N ASN A 252 -1.74 -14.69 -17.28
CA ASN A 252 -0.90 -14.61 -18.47
C ASN A 252 -0.04 -15.86 -18.68
N PHE A 256 1.64 -16.94 -13.23
CA PHE A 256 2.07 -17.44 -11.92
C PHE A 256 1.09 -18.45 -11.31
N LYS A 257 1.63 -19.57 -10.85
CA LYS A 257 0.89 -20.49 -9.98
C LYS A 257 0.90 -19.92 -8.57
N PHE A 258 0.06 -20.47 -7.70
CA PHE A 258 -0.19 -19.87 -6.40
C PHE A 258 -0.04 -20.90 -5.28
N PRO A 259 -0.16 -20.45 -4.01
CA PRO A 259 -0.31 -21.45 -2.95
C PRO A 259 -1.61 -22.24 -3.13
N GLN A 260 -1.48 -23.56 -3.25
CA GLN A 260 -2.64 -24.43 -3.39
C GLN A 260 -3.27 -24.67 -2.02
N ILE A 261 -3.90 -23.64 -1.47
CA ILE A 261 -4.53 -23.71 -0.16
C ILE A 261 -6.06 -23.71 -0.26
N LYS A 262 -6.70 -24.70 0.36
CA LYS A 262 -8.15 -24.85 0.31
C LYS A 262 -8.85 -23.74 1.11
N ALA A 263 -10.17 -23.65 0.96
CA ALA A 263 -10.92 -22.53 1.51
C ALA A 263 -11.09 -22.62 3.02
N HIS A 264 -10.97 -21.48 3.69
CA HIS A 264 -11.39 -21.40 5.08
C HIS A 264 -12.91 -21.22 5.11
N PRO A 265 -13.60 -22.02 5.94
CA PRO A 265 -15.05 -21.89 6.15
C PRO A 265 -15.40 -20.53 6.72
N TRP A 266 -16.15 -19.73 5.97
CA TRP A 266 -16.41 -18.33 6.28
C TRP A 266 -16.90 -18.13 7.72
N THR A 267 -17.57 -19.13 8.27
CA THR A 267 -18.04 -19.06 9.64
C THR A 267 -16.84 -19.04 10.59
N LYS A 268 -15.71 -19.59 10.15
CA LYS A 268 -14.53 -19.66 10.99
C LYS A 268 -13.60 -18.45 10.81
N VAL A 269 -13.93 -17.54 9.90
CA VAL A 269 -13.09 -16.35 9.74
C VAL A 269 -13.52 -15.20 10.68
N PHE A 270 -14.65 -15.34 11.36
CA PHE A 270 -15.13 -14.24 12.23
C PHE A 270 -15.30 -14.68 13.68
N ARG A 271 -15.52 -13.71 14.58
CA ARG A 271 -15.71 -14.02 16.00
C ARG A 271 -16.94 -14.92 16.16
N PRO A 272 -17.01 -15.67 17.27
CA PRO A 272 -18.12 -16.60 17.48
C PRO A 272 -19.50 -15.94 17.49
N ARG A 273 -19.60 -14.72 18.02
CA ARG A 273 -20.91 -14.09 18.15
C ARG A 273 -21.42 -13.44 16.84
N THR A 274 -20.65 -13.56 15.76
CA THR A 274 -20.98 -12.90 14.50
C THR A 274 -22.24 -13.48 13.90
N PRO A 275 -23.19 -12.60 13.51
CA PRO A 275 -24.43 -13.00 12.81
C PRO A 275 -24.14 -13.66 11.47
N PRO A 276 -24.70 -14.84 11.23
CA PRO A 276 -24.51 -15.58 9.98
C PRO A 276 -25.04 -14.84 8.76
N GLU A 277 -25.99 -13.93 8.92
CA GLU A 277 -26.44 -13.13 7.80
C GLU A 277 -25.30 -12.22 7.31
N ALA A 278 -24.47 -11.74 8.25
CA ALA A 278 -23.34 -10.89 7.92
C ALA A 278 -22.25 -11.70 7.23
N ILE A 279 -22.00 -12.90 7.74
CA ILE A 279 -21.02 -13.76 7.12
C ILE A 279 -21.49 -14.09 5.69
N ALA A 280 -22.79 -14.33 5.55
CA ALA A 280 -23.34 -14.68 4.22
C ALA A 280 -23.21 -13.53 3.23
N LEU A 281 -23.53 -12.31 3.67
CA LEU A 281 -23.37 -11.13 2.84
C LEU A 281 -21.90 -10.88 2.44
N CYS A 282 -20.96 -11.05 3.38
CA CYS A 282 -19.54 -10.99 3.03
C CYS A 282 -19.20 -11.91 1.87
N SER A 283 -19.54 -13.18 2.02
CA SER A 283 -19.17 -14.17 1.04
C SER A 283 -19.73 -13.90 -0.35
N ARG A 284 -20.79 -13.12 -0.42
CA ARG A 284 -21.41 -12.83 -1.72
C ARG A 284 -20.91 -11.50 -2.30
N LEU A 285 -20.17 -10.74 -1.51
CA LEU A 285 -19.51 -9.55 -2.03
C LEU A 285 -18.07 -9.87 -2.45
N LEU A 286 -17.36 -10.63 -1.59
CA LEU A 286 -15.94 -10.93 -1.78
C LEU A 286 -15.76 -12.20 -2.63
N GLU A 287 -16.05 -12.06 -3.91
CA GLU A 287 -16.02 -13.16 -4.85
C GLU A 287 -14.94 -12.87 -5.86
N TYR A 288 -14.17 -13.89 -6.23
CA TYR A 288 -13.15 -13.74 -7.27
C TYR A 288 -13.75 -13.21 -8.56
N THR A 289 -14.71 -13.96 -9.08
CA THR A 289 -15.38 -13.62 -10.32
C THR A 289 -16.15 -12.34 -10.10
N PRO A 290 -15.70 -11.25 -10.75
CA PRO A 290 -16.32 -9.95 -10.45
C PRO A 290 -17.80 -9.86 -10.88
N THR A 291 -18.31 -10.78 -11.70
CA THR A 291 -19.74 -10.75 -12.01
C THR A 291 -20.59 -11.54 -11.03
N ALA A 292 -19.96 -12.32 -10.15
CA ALA A 292 -20.72 -13.15 -9.19
C ALA A 292 -21.05 -12.36 -7.93
N ARG A 293 -20.45 -11.19 -7.81
CA ARG A 293 -20.68 -10.35 -6.65
C ARG A 293 -22.07 -9.75 -6.74
N LEU A 294 -22.68 -9.50 -5.59
CA LEU A 294 -23.94 -8.77 -5.53
C LEU A 294 -23.78 -7.39 -6.12
N THR A 295 -24.87 -6.89 -6.71
CA THR A 295 -24.92 -5.49 -7.07
C THR A 295 -25.18 -4.72 -5.79
N PRO A 296 -24.84 -3.42 -5.80
CA PRO A 296 -25.15 -2.58 -4.64
C PRO A 296 -26.61 -2.71 -4.22
N LEU A 297 -27.53 -2.59 -5.17
CA LEU A 297 -28.96 -2.62 -4.84
C LEU A 297 -29.36 -3.98 -4.26
N GLU A 298 -28.83 -5.05 -4.83
CA GLU A 298 -29.12 -6.38 -4.33
C GLU A 298 -28.64 -6.56 -2.88
N ALA A 299 -27.51 -5.94 -2.54
CA ALA A 299 -26.98 -6.01 -1.19
C ALA A 299 -27.85 -5.23 -0.21
N CYS A 300 -28.35 -4.07 -0.65
CA CYS A 300 -29.31 -3.33 0.16
C CYS A 300 -30.49 -4.21 0.54
N ALA A 301 -30.89 -5.06 -0.40
CA ALA A 301 -32.03 -5.94 -0.23
C ALA A 301 -31.67 -7.20 0.52
N HIS A 302 -30.42 -7.29 0.96
CA HIS A 302 -29.96 -8.50 1.62
C HIS A 302 -30.58 -8.65 3.01
N SER A 303 -30.75 -9.91 3.43
CA SER A 303 -31.43 -10.19 4.70
C SER A 303 -30.68 -9.65 5.91
N PHE A 304 -29.35 -9.48 5.78
CA PHE A 304 -28.55 -8.88 6.84
C PHE A 304 -29.09 -7.51 7.26
N PHE A 305 -29.80 -6.82 6.36
CA PHE A 305 -30.32 -5.49 6.65
C PHE A 305 -31.81 -5.47 7.08
N ASP A 306 -32.43 -6.65 7.19
CA ASP A 306 -33.88 -6.74 7.48
C ASP A 306 -34.27 -5.93 8.69
N GLU A 307 -33.46 -6.01 9.73
CA GLU A 307 -33.70 -5.25 10.95
C GLU A 307 -33.93 -3.77 10.68
N LEU A 308 -33.21 -3.22 9.70
CA LEU A 308 -33.37 -1.80 9.39
C LEU A 308 -34.79 -1.50 8.86
N ARG A 309 -35.50 -2.55 8.42
CA ARG A 309 -36.81 -2.40 7.79
C ARG A 309 -37.96 -2.69 8.77
N ASP A 310 -37.60 -3.06 9.98
CA ASP A 310 -38.53 -3.23 11.08
C ASP A 310 -39.10 -1.87 11.47
N PRO A 311 -40.44 -1.79 11.62
CA PRO A 311 -41.09 -0.50 11.92
C PRO A 311 -40.69 0.07 13.28
N ASN A 312 -40.34 -0.80 14.22
CA ASN A 312 -40.04 -0.38 15.59
C ASN A 312 -38.58 0.03 15.88
N VAL A 313 -37.65 -0.25 14.95
CA VAL A 313 -36.22 0.01 15.17
C VAL A 313 -35.85 1.48 15.49
N LYS A 314 -34.95 1.65 16.44
CA LYS A 314 -34.47 2.98 16.78
C LYS A 314 -32.97 2.99 17.00
N LEU A 315 -32.36 4.17 17.00
CA LEU A 315 -30.94 4.26 17.24
C LEU A 315 -30.67 4.03 18.72
N PRO A 316 -29.45 3.57 19.05
CA PRO A 316 -29.06 3.45 20.45
C PRO A 316 -29.17 4.79 21.20
N ASN A 317 -29.07 5.91 20.50
CA ASN A 317 -29.18 7.19 21.18
C ASN A 317 -30.62 7.62 21.41
N GLY A 318 -31.56 6.77 21.03
CA GLY A 318 -32.97 7.05 21.21
C GLY A 318 -33.66 7.57 19.97
N ARG A 319 -32.92 8.36 19.18
CA ARG A 319 -33.44 9.01 17.97
C ARG A 319 -34.00 8.01 16.96
N ASP A 320 -34.70 8.54 15.96
CA ASP A 320 -35.21 7.72 14.86
C ASP A 320 -34.11 7.40 13.88
N THR A 321 -34.32 6.40 13.04
CA THR A 321 -33.36 6.13 12.00
C THR A 321 -33.44 7.24 10.97
N PRO A 322 -32.33 7.50 10.26
CA PRO A 322 -32.30 8.49 9.18
C PRO A 322 -32.99 7.99 7.94
N ALA A 323 -33.10 8.84 6.92
CA ALA A 323 -33.68 8.41 5.66
C ALA A 323 -33.05 7.12 5.14
N LEU A 324 -33.87 6.11 4.93
CA LEU A 324 -33.39 4.80 4.46
C LEU A 324 -34.10 4.27 3.23
N PHE A 325 -35.27 4.84 2.91
CA PHE A 325 -36.18 4.26 1.91
C PHE A 325 -36.63 5.18 0.80
N ASN A 326 -36.21 6.44 0.83
CA ASN A 326 -36.54 7.39 -0.23
C ASN A 326 -35.86 7.05 -1.57
N PHE A 327 -36.01 5.80 -2.01
CA PHE A 327 -35.46 5.34 -3.29
C PHE A 327 -36.12 6.08 -4.42
N THR A 328 -35.34 6.58 -5.36
CA THR A 328 -35.92 7.15 -6.56
C THR A 328 -35.80 6.15 -7.68
N THR A 329 -36.57 6.37 -8.75
CA THR A 329 -36.61 5.46 -9.89
C THR A 329 -35.20 5.22 -10.46
N GLN A 330 -34.38 6.26 -10.46
CA GLN A 330 -33.00 6.16 -10.90
C GLN A 330 -32.22 5.11 -10.08
N GLU A 331 -32.31 5.24 -8.76
CA GLU A 331 -31.66 4.35 -7.82
C GLU A 331 -32.12 2.89 -7.94
N LEU A 332 -33.36 2.66 -8.37
CA LEU A 332 -33.83 1.29 -8.44
C LEU A 332 -33.63 0.67 -9.82
N SER A 333 -33.16 1.46 -10.77
CA SER A 333 -33.09 1.06 -12.17
C SER A 333 -32.36 -0.25 -12.46
N SER A 334 -31.26 -0.53 -11.74
CA SER A 334 -30.58 -1.82 -11.78
C SER A 334 -31.58 -2.98 -11.74
N ASN A 335 -32.61 -2.84 -10.91
CA ASN A 335 -33.55 -3.92 -10.62
C ASN A 335 -34.82 -3.44 -9.91
N PRO A 336 -35.73 -2.77 -10.66
CA PRO A 336 -36.95 -2.15 -10.12
C PRO A 336 -37.83 -3.03 -9.22
N PRO A 337 -37.98 -4.33 -9.54
CA PRO A 337 -38.79 -5.18 -8.66
C PRO A 337 -38.29 -5.32 -7.23
N LEU A 338 -37.05 -4.96 -6.95
CA LEU A 338 -36.56 -5.07 -5.57
C LEU A 338 -37.24 -4.03 -4.68
N ALA A 339 -37.98 -3.11 -5.30
CA ALA A 339 -38.61 -2.05 -4.50
C ALA A 339 -39.57 -2.64 -3.48
N THR A 340 -40.17 -3.79 -3.83
CA THR A 340 -41.10 -4.49 -2.97
C THR A 340 -40.40 -4.89 -1.67
N ILE A 341 -39.13 -5.26 -1.76
CA ILE A 341 -38.36 -5.60 -0.56
C ILE A 341 -37.73 -4.36 0.06
N LEU A 342 -37.22 -3.45 -0.77
CA LEU A 342 -36.46 -2.30 -0.26
C LEU A 342 -37.30 -1.25 0.48
N ILE A 343 -38.50 -0.97 -0.03
CA ILE A 343 -39.41 -0.01 0.59
C ILE A 343 -40.47 -0.73 1.41
N PRO A 344 -40.26 -0.83 2.73
CA PRO A 344 -41.19 -1.53 3.63
C PRO A 344 -42.52 -0.76 3.82
N PRO A 345 -43.59 -1.46 4.25
CA PRO A 345 -44.94 -0.89 4.33
C PRO A 345 -45.06 0.43 5.12
N HIS A 346 -44.31 0.57 6.22
CA HIS A 346 -44.37 1.76 7.06
C HIS A 346 -43.65 3.01 6.52
N ALA A 347 -42.83 2.85 5.48
CA ALA A 347 -42.05 3.97 4.98
C ALA A 347 -42.84 5.01 4.20
N ARG A 348 -42.82 6.25 4.70
CA ARG A 348 -43.51 7.36 4.04
C ARG A 348 -42.58 8.10 3.08
N LYS B 1 13.66 -24.07 28.51
CA LYS B 1 13.01 -24.83 27.44
C LYS B 1 13.88 -24.91 26.18
N VAL B 2 14.62 -26.01 26.04
CA VAL B 2 15.54 -26.18 24.92
C VAL B 2 14.98 -27.05 23.80
N THR B 3 15.18 -26.59 22.56
CA THR B 3 14.77 -27.32 21.38
C THR B 3 15.98 -27.84 20.62
N THR B 4 16.04 -29.14 20.34
CA THR B 4 17.15 -29.66 19.58
C THR B 4 16.67 -30.30 18.27
N VAL B 5 17.23 -29.82 17.15
CA VAL B 5 16.91 -30.36 15.83
C VAL B 5 18.18 -30.66 15.04
N VAL B 6 18.07 -31.52 14.02
CA VAL B 6 19.17 -31.79 13.12
C VAL B 6 18.97 -31.01 11.84
N ALA B 7 19.73 -29.92 11.69
CA ALA B 7 19.53 -28.98 10.61
C ALA B 7 20.71 -28.96 9.64
N THR B 8 20.39 -28.72 8.37
CA THR B 8 21.36 -28.61 7.30
C THR B 8 21.95 -27.21 7.19
N PRO B 9 23.29 -27.10 7.16
CA PRO B 9 23.96 -25.80 7.02
C PRO B 9 23.62 -25.13 5.70
N GLY B 10 23.49 -23.82 5.76
CA GLY B 10 23.08 -23.01 4.64
C GLY B 10 24.12 -23.00 3.53
N GLN B 11 25.32 -22.63 3.91
CA GLN B 11 26.39 -22.44 2.94
C GLN B 11 27.02 -23.72 2.39
N GLY B 12 27.56 -24.56 3.26
CA GLY B 12 28.31 -25.73 2.82
C GLY B 12 27.63 -26.84 2.04
N PRO B 13 28.26 -28.03 2.04
CA PRO B 13 27.76 -29.30 1.47
C PRO B 13 26.78 -29.93 2.45
N ASP B 14 25.88 -30.79 1.98
CA ASP B 14 24.79 -31.29 2.82
C ASP B 14 25.33 -32.15 3.97
N ARG B 15 25.89 -31.48 4.97
CA ARG B 15 26.36 -32.20 6.15
C ARG B 15 25.63 -31.64 7.36
N PRO B 16 24.42 -32.18 7.63
CA PRO B 16 23.50 -31.68 8.65
C PRO B 16 24.04 -31.91 10.06
N GLN B 17 23.70 -31.01 10.97
CA GLN B 17 24.24 -31.04 12.32
C GLN B 17 23.21 -30.82 13.41
N GLU B 18 23.45 -31.42 14.57
CA GLU B 18 22.62 -31.18 15.73
C GLU B 18 22.80 -29.73 16.19
N VAL B 19 21.71 -28.98 16.17
CA VAL B 19 21.66 -27.59 16.60
C VAL B 19 20.62 -27.48 17.72
N SER B 20 20.98 -26.82 18.82
CA SER B 20 20.08 -26.70 19.97
C SER B 20 19.87 -25.21 20.28
N TYR B 21 18.65 -24.83 20.67
CA TYR B 21 18.38 -23.43 20.98
C TYR B 21 17.28 -23.20 22.02
N THR B 22 17.43 -22.16 22.83
CA THR B 22 16.47 -21.81 23.87
C THR B 22 15.89 -20.42 23.64
N ASP B 23 15.11 -19.96 24.63
CA ASP B 23 14.53 -18.61 24.68
C ASP B 23 13.85 -18.22 23.36
N THR B 24 13.23 -19.19 22.71
CA THR B 24 12.58 -18.96 21.43
C THR B 24 11.37 -18.07 21.65
N LYS B 25 11.28 -16.98 20.90
CA LYS B 25 10.13 -16.06 20.98
C LYS B 25 9.81 -15.44 19.61
N VAL B 26 8.58 -14.95 19.44
CA VAL B 26 8.13 -14.38 18.15
C VAL B 26 8.53 -12.91 18.00
N ILE B 27 8.98 -12.54 16.80
CA ILE B 27 9.38 -11.16 16.53
C ILE B 27 8.85 -10.69 15.16
N GLY B 28 7.82 -11.36 14.67
CA GLY B 28 7.27 -11.02 13.38
C GLY B 28 6.29 -12.03 12.83
N ASN B 29 5.17 -11.53 12.33
CA ASN B 29 4.16 -12.36 11.70
C ASN B 29 3.65 -11.61 10.47
N GLY B 30 3.45 -12.32 9.37
CA GLY B 30 3.00 -11.70 8.14
C GLY B 30 2.53 -12.75 7.18
N SER B 31 2.17 -12.34 5.98
CA SER B 31 1.63 -13.25 4.96
C SER B 31 2.51 -14.48 4.74
N PHE B 32 3.83 -14.29 4.82
CA PHE B 32 4.80 -15.37 4.66
C PHE B 32 4.67 -16.47 5.72
N GLY B 33 4.44 -16.06 6.96
CA GLY B 33 4.51 -16.98 8.09
C GLY B 33 4.98 -16.25 9.32
N VAL B 34 5.86 -16.86 10.08
CA VAL B 34 6.27 -16.31 11.37
C VAL B 34 7.78 -16.30 11.51
N VAL B 35 8.33 -15.20 12.03
CA VAL B 35 9.74 -15.14 12.37
C VAL B 35 9.96 -15.21 13.88
N TYR B 36 10.87 -16.09 14.29
CA TYR B 36 11.22 -16.21 15.70
C TYR B 36 12.62 -15.68 15.98
N GLN B 37 12.89 -15.42 17.25
CA GLN B 37 14.25 -15.20 17.69
C GLN B 37 14.59 -16.28 18.70
N ALA B 38 15.81 -16.83 18.63
CA ALA B 38 16.23 -17.82 19.60
C ALA B 38 17.71 -17.67 19.91
N LYS B 39 18.14 -18.30 21.00
CA LYS B 39 19.54 -18.27 21.36
C LYS B 39 20.09 -19.66 21.14
N LEU B 40 21.19 -19.75 20.40
CA LEU B 40 21.87 -21.02 20.19
C LEU B 40 22.52 -21.46 21.51
N CYS B 41 22.37 -22.73 21.88
CA CYS B 41 22.84 -23.15 23.20
C CYS B 41 24.34 -23.25 23.27
N ASP B 42 24.97 -23.66 22.18
CA ASP B 42 26.40 -23.95 22.20
C ASP B 42 27.28 -22.73 21.92
N SER B 43 26.67 -21.58 21.66
CA SER B 43 27.42 -20.40 21.24
C SER B 43 26.91 -19.14 21.94
N GLY B 44 25.63 -19.13 22.28
CA GLY B 44 25.02 -17.94 22.85
C GLY B 44 24.53 -16.97 21.79
N GLU B 45 24.86 -17.24 20.53
CA GLU B 45 24.44 -16.38 19.42
C GLU B 45 22.92 -16.32 19.26
N LEU B 46 22.40 -15.12 19.00
CA LEU B 46 20.99 -14.94 18.68
C LEU B 46 20.76 -15.29 17.21
N VAL B 47 19.66 -15.96 16.89
CA VAL B 47 19.32 -16.19 15.49
C VAL B 47 17.88 -15.81 15.24
N ALA B 48 17.53 -15.61 13.97
CA ALA B 48 16.13 -15.48 13.58
C ALA B 48 15.72 -16.73 12.83
N ILE B 49 14.59 -17.33 13.20
CA ILE B 49 14.10 -18.51 12.50
C ILE B 49 12.84 -18.12 11.75
N LYS B 50 12.90 -18.18 10.42
CA LYS B 50 11.75 -17.85 9.59
C LYS B 50 11.04 -19.14 9.20
N LYS B 51 9.82 -19.29 9.70
CA LYS B 51 9.07 -20.52 9.56
C LYS B 51 7.99 -20.31 8.51
N VAL B 52 8.06 -21.09 7.43
CA VAL B 52 7.09 -20.98 6.34
C VAL B 52 6.55 -22.35 5.93
N LEU B 53 5.33 -22.37 5.40
CA LEU B 53 4.69 -23.60 4.95
C LEU B 53 5.34 -24.07 3.66
N GLN B 54 5.53 -25.38 3.54
CA GLN B 54 6.18 -25.95 2.38
C GLN B 54 5.19 -26.35 1.27
N ASP B 55 5.33 -25.70 0.11
CA ASP B 55 4.55 -26.03 -1.07
C ASP B 55 4.83 -27.47 -1.39
N LYS B 56 3.79 -28.29 -1.35
CA LYS B 56 3.94 -29.72 -1.61
C LYS B 56 4.56 -29.99 -2.99
N ARG B 57 4.21 -29.15 -3.97
CA ARG B 57 4.61 -29.37 -5.35
C ARG B 57 6.11 -29.14 -5.60
N PHE B 58 6.59 -27.91 -5.37
CA PHE B 58 7.97 -27.59 -5.73
C PHE B 58 8.91 -27.31 -4.54
N LYS B 59 10.21 -27.21 -4.84
CA LYS B 59 11.18 -26.84 -3.83
C LYS B 59 11.01 -25.35 -3.54
N ASN B 60 11.36 -24.92 -2.33
CA ASN B 60 11.16 -23.53 -1.96
C ASN B 60 12.12 -22.60 -2.69
N ARG B 61 11.60 -21.57 -3.34
CA ARG B 61 12.42 -20.68 -4.16
C ARG B 61 13.37 -19.87 -3.30
N GLU B 62 12.87 -19.34 -2.19
CA GLU B 62 13.68 -18.56 -1.25
C GLU B 62 14.90 -19.36 -0.76
N LEU B 63 14.66 -20.61 -0.38
CA LEU B 63 15.73 -21.46 0.12
C LEU B 63 16.74 -21.66 -0.98
N GLN B 64 16.29 -22.03 -2.18
CA GLN B 64 17.23 -22.34 -3.24
C GLN B 64 17.96 -21.06 -3.70
N ILE B 65 17.36 -19.90 -3.46
CA ILE B 65 18.07 -18.64 -3.68
C ILE B 65 19.04 -18.33 -2.53
N MET B 66 18.62 -18.58 -1.29
CA MET B 66 19.44 -18.25 -0.11
C MET B 66 20.70 -19.15 -0.04
N ARG B 67 20.58 -20.35 -0.58
CA ARG B 67 21.68 -21.31 -0.56
C ARG B 67 22.81 -20.92 -1.52
N LYS B 68 22.51 -20.03 -2.47
CA LYS B 68 23.47 -19.61 -3.48
C LYS B 68 24.19 -18.30 -3.14
N LEU B 69 23.78 -17.62 -2.08
CA LEU B 69 24.30 -16.28 -1.79
C LEU B 69 25.31 -16.26 -0.66
N ASP B 70 26.42 -15.56 -0.87
CA ASP B 70 27.45 -15.46 0.13
C ASP B 70 28.12 -14.11 0.01
N HIS B 71 27.71 -13.18 0.86
CA HIS B 71 28.16 -11.80 0.77
C HIS B 71 27.92 -11.09 2.11
N CYS B 72 28.80 -10.14 2.43
CA CYS B 72 28.83 -9.59 3.77
C CYS B 72 27.66 -8.64 4.03
N ASN B 73 27.00 -8.21 2.96
CA ASN B 73 25.84 -7.33 3.07
C ASN B 73 24.54 -8.03 2.76
N ILE B 74 24.57 -9.36 2.82
CA ILE B 74 23.36 -10.18 2.68
C ILE B 74 23.22 -10.96 3.97
N VAL B 75 22.01 -11.04 4.52
CA VAL B 75 21.78 -11.77 5.76
C VAL B 75 22.24 -13.22 5.55
N ARG B 76 22.85 -13.82 6.56
CA ARG B 76 23.42 -15.13 6.38
C ARG B 76 22.45 -16.23 6.80
N LEU B 77 22.26 -17.19 5.89
CA LEU B 77 21.55 -18.41 6.17
C LEU B 77 22.45 -19.39 6.91
N ARG B 78 22.23 -19.58 8.21
CA ARG B 78 23.06 -20.52 8.94
C ARG B 78 22.61 -21.96 8.77
N TYR B 79 21.33 -22.22 8.93
CA TYR B 79 20.82 -23.56 8.72
C TYR B 79 19.42 -23.48 8.16
N PHE B 80 18.92 -24.62 7.72
CA PHE B 80 17.53 -24.77 7.40
C PHE B 80 17.12 -26.18 7.77
N PHE B 81 15.84 -26.37 8.08
CA PHE B 81 15.33 -27.69 8.39
C PHE B 81 13.81 -27.71 8.24
N TYR B 82 13.23 -28.89 8.34
CA TYR B 82 11.79 -29.03 8.17
C TYR B 82 11.15 -29.47 9.49
N SER B 83 9.96 -28.94 9.75
CA SER B 83 9.26 -29.17 11.01
C SER B 83 7.77 -29.43 10.78
N SER B 84 7.09 -29.81 11.86
CA SER B 84 5.64 -29.90 11.93
C SER B 84 5.04 -28.64 12.56
N GLY B 85 3.74 -28.64 12.84
CA GLY B 85 3.16 -27.57 13.65
C GLY B 85 1.99 -26.78 13.10
N GLU B 86 0.77 -27.22 13.44
CA GLU B 86 -0.48 -26.58 13.03
C GLU B 86 -0.78 -26.81 11.54
N LYS B 87 -1.30 -25.78 10.87
CA LYS B 87 -1.83 -25.92 9.51
C LYS B 87 -2.86 -27.03 9.49
N LYS B 88 -2.44 -28.16 8.94
CA LYS B 88 -3.23 -29.37 8.94
C LYS B 88 -2.30 -30.50 8.59
N ASP B 89 -1.25 -30.61 9.39
CA ASP B 89 -0.31 -31.72 9.34
C ASP B 89 0.55 -31.66 8.08
N GLU B 90 0.77 -30.44 7.62
CA GLU B 90 1.50 -30.15 6.41
C GLU B 90 2.95 -29.85 6.86
N VAL B 91 3.89 -29.73 5.93
CA VAL B 91 5.30 -29.61 6.29
C VAL B 91 5.78 -28.16 6.35
N TYR B 92 6.61 -27.85 7.35
CA TYR B 92 7.15 -26.49 7.50
C TYR B 92 8.66 -26.37 7.26
N LEU B 93 9.05 -25.39 6.45
CA LEU B 93 10.44 -25.07 6.22
C LEU B 93 10.88 -24.00 7.19
N ASN B 94 12.01 -24.22 7.84
CA ASN B 94 12.58 -23.26 8.79
C ASN B 94 13.92 -22.72 8.34
N LEU B 95 14.00 -21.41 8.12
CA LEU B 95 15.25 -20.76 7.75
C LEU B 95 15.92 -20.12 8.95
N VAL B 96 17.10 -20.60 9.30
CA VAL B 96 17.82 -20.09 10.46
C VAL B 96 18.86 -19.06 10.06
N LEU B 97 18.61 -17.82 10.45
CA LEU B 97 19.43 -16.71 10.03
C LEU B 97 20.12 -16.04 11.20
N ASP B 98 21.31 -15.50 10.94
CA ASP B 98 21.99 -14.64 11.88
C ASP B 98 21.09 -13.46 12.28
N TYR B 99 20.91 -13.28 13.58
CA TYR B 99 20.07 -12.20 14.05
C TYR B 99 20.83 -10.87 13.97
N VAL B 100 20.19 -9.90 13.33
CA VAL B 100 20.66 -8.53 13.26
C VAL B 100 19.68 -7.66 14.02
N PRO B 101 20.16 -6.89 15.01
CA PRO B 101 19.27 -6.26 16.00
C PRO B 101 18.45 -5.07 15.52
N GLU B 102 18.77 -4.47 14.39
CA GLU B 102 18.07 -3.27 13.97
C GLU B 102 17.69 -3.27 12.49
N THR B 103 16.87 -2.30 12.11
CA THR B 103 16.57 -2.08 10.71
C THR B 103 16.63 -0.59 10.36
N VAL B 104 16.76 -0.31 9.08
CA VAL B 104 16.76 1.08 8.64
C VAL B 104 15.40 1.67 9.03
N TYR B 105 14.35 0.85 8.98
CA TYR B 105 13.04 1.34 9.38
C TYR B 105 13.02 1.84 10.84
N ARG B 106 13.39 0.98 11.77
CA ARG B 106 13.37 1.39 13.17
C ARG B 106 14.32 2.56 13.44
N VAL B 107 15.48 2.56 12.80
CA VAL B 107 16.46 3.60 13.07
C VAL B 107 16.02 4.93 12.50
N ALA B 108 15.49 4.88 11.28
CA ALA B 108 14.96 6.08 10.62
C ALA B 108 13.83 6.69 11.42
N ARG B 109 13.01 5.83 12.01
CA ARG B 109 11.83 6.27 12.73
C ARG B 109 12.27 6.90 14.04
N HIS B 110 13.36 6.39 14.61
CA HIS B 110 13.91 6.98 15.83
C HIS B 110 14.29 8.41 15.56
N TYR B 111 15.00 8.62 14.46
CA TYR B 111 15.43 9.96 14.11
C TYR B 111 14.25 10.85 13.78
N SER B 112 13.24 10.32 13.08
CA SER B 112 12.04 11.12 12.74
C SER B 112 11.32 11.53 13.99
N ARG B 113 11.15 10.61 14.93
CA ARG B 113 10.43 10.89 16.16
C ARG B 113 11.25 11.79 17.09
N ALA B 114 12.54 11.93 16.82
CA ALA B 114 13.36 12.84 17.63
C ALA B 114 13.52 14.16 16.90
N LYS B 115 12.88 14.25 15.74
CA LYS B 115 12.93 15.42 14.87
C LYS B 115 14.37 15.74 14.42
N GLN B 116 15.27 14.78 14.62
CA GLN B 116 16.62 14.85 14.04
C GLN B 116 16.63 14.10 12.70
N THR B 117 17.69 14.24 11.91
CA THR B 117 17.83 13.36 10.74
C THR B 117 19.00 12.42 10.96
N LEU B 118 18.95 11.26 10.32
CA LEU B 118 20.07 10.35 10.35
C LEU B 118 21.26 11.03 9.65
N PRO B 119 22.40 11.14 10.37
CA PRO B 119 23.66 11.71 9.86
C PRO B 119 24.13 11.17 8.51
N VAL B 120 24.63 12.08 7.68
CA VAL B 120 25.05 11.77 6.31
C VAL B 120 26.07 10.64 6.24
N ILE B 121 26.89 10.47 7.27
CA ILE B 121 27.89 9.41 7.22
C ILE B 121 27.22 8.04 7.27
N TYR B 122 26.11 7.97 7.99
CA TYR B 122 25.33 6.74 8.02
C TYR B 122 24.60 6.54 6.71
N VAL B 123 24.10 7.62 6.13
CA VAL B 123 23.40 7.53 4.87
C VAL B 123 24.37 7.01 3.82
N LYS B 124 25.60 7.54 3.83
CA LYS B 124 26.63 7.05 2.92
C LYS B 124 26.93 5.57 3.17
N LEU B 125 27.20 5.23 4.42
CA LEU B 125 27.50 3.84 4.77
C LEU B 125 26.38 2.87 4.42
N TYR B 126 25.15 3.19 4.81
CA TYR B 126 24.04 2.25 4.60
C TYR B 126 23.71 2.09 3.12
N MET B 127 23.55 3.21 2.41
CA MET B 127 23.20 3.15 1.00
C MET B 127 24.24 2.40 0.18
N TYR B 128 25.51 2.68 0.49
CA TYR B 128 26.59 2.02 -0.19
C TYR B 128 26.49 0.51 -0.08
N GLN B 129 26.28 0.02 1.14
CA GLN B 129 26.22 -1.42 1.35
C GLN B 129 24.99 -2.04 0.69
N LEU B 130 23.89 -1.30 0.67
CA LEU B 130 22.70 -1.81 -0.04
C LEU B 130 23.09 -1.96 -1.51
N PHE B 131 23.73 -0.94 -2.09
CA PHE B 131 24.10 -1.03 -3.50
C PHE B 131 25.09 -2.17 -3.80
N ARG B 132 25.99 -2.49 -2.88
CA ARG B 132 26.86 -3.68 -3.06
C ARG B 132 26.02 -4.96 -3.08
N SER B 133 25.10 -5.12 -2.13
CA SER B 133 24.28 -6.33 -2.05
C SER B 133 23.48 -6.49 -3.32
N LEU B 134 22.91 -5.38 -3.80
CA LEU B 134 22.21 -5.41 -5.10
C LEU B 134 23.16 -5.71 -6.28
N ALA B 135 24.35 -5.11 -6.28
CA ALA B 135 25.33 -5.39 -7.33
C ALA B 135 25.61 -6.88 -7.38
N TYR B 136 25.71 -7.46 -6.20
CA TYR B 136 25.99 -8.88 -6.06
C TYR B 136 24.84 -9.74 -6.59
N ILE B 137 23.65 -9.58 -6.01
CA ILE B 137 22.51 -10.42 -6.41
C ILE B 137 22.14 -10.19 -7.88
N HIS B 138 22.25 -8.95 -8.36
CA HIS B 138 21.95 -8.73 -9.79
C HIS B 138 22.91 -9.51 -10.68
N SER B 139 24.15 -9.69 -10.24
CA SER B 139 25.14 -10.41 -11.04
C SER B 139 24.70 -11.85 -11.29
N PHE B 140 23.80 -12.38 -10.46
CA PHE B 140 23.21 -13.69 -10.71
C PHE B 140 21.92 -13.57 -11.52
N GLY B 141 21.48 -12.35 -11.79
CA GLY B 141 20.19 -12.15 -12.43
C GLY B 141 19.05 -12.18 -11.42
N ILE B 142 19.39 -12.30 -10.14
CA ILE B 142 18.40 -12.30 -9.08
C ILE B 142 18.00 -10.87 -8.70
N CYS B 143 16.68 -10.61 -8.77
CA CYS B 143 16.10 -9.34 -8.33
C CYS B 143 15.34 -9.51 -7.01
N HIS B 144 15.57 -8.60 -6.06
CA HIS B 144 14.95 -8.72 -4.75
C HIS B 144 13.45 -8.51 -4.78
N ARG B 145 13.02 -7.47 -5.50
CA ARG B 145 11.61 -7.18 -5.78
C ARG B 145 10.83 -6.72 -4.57
N ASP B 146 11.51 -6.51 -3.43
CA ASP B 146 10.82 -6.00 -2.26
C ASP B 146 11.76 -5.16 -1.38
N ILE B 147 12.50 -4.24 -2.02
CA ILE B 147 13.44 -3.39 -1.31
C ILE B 147 12.73 -2.27 -0.54
N LYS B 148 12.93 -2.24 0.77
CA LYS B 148 12.30 -1.24 1.63
C LYS B 148 13.06 -1.20 2.94
N PRO B 149 12.90 -0.11 3.72
CA PRO B 149 13.64 0.07 4.96
C PRO B 149 13.55 -1.10 5.94
N GLN B 150 12.46 -1.84 5.92
CA GLN B 150 12.28 -2.89 6.90
C GLN B 150 13.09 -4.11 6.52
N ASN B 151 13.49 -4.19 5.26
CA ASN B 151 14.30 -5.32 4.80
C ASN B 151 15.79 -5.00 4.81
N LEU B 152 16.15 -3.85 5.38
CA LEU B 152 17.55 -3.52 5.51
C LEU B 152 17.97 -3.63 6.97
N LEU B 153 18.59 -4.75 7.30
CA LEU B 153 19.01 -4.99 8.66
C LEU B 153 20.24 -4.12 9.00
N LEU B 154 20.34 -3.71 10.25
CA LEU B 154 21.42 -2.85 10.67
C LEU B 154 22.01 -3.34 11.96
N ASP B 155 23.33 -3.37 12.03
CA ASP B 155 23.99 -3.46 13.33
C ASP B 155 24.61 -2.08 13.56
N PRO B 156 24.01 -1.30 14.47
CA PRO B 156 24.38 0.12 14.56
C PRO B 156 25.76 0.36 15.12
N ASP B 157 26.32 -0.60 15.86
CA ASP B 157 27.67 -0.45 16.38
C ASP B 157 28.75 -0.59 15.31
N THR B 158 28.61 -1.60 14.46
CA THR B 158 29.58 -1.84 13.41
C THR B 158 29.21 -1.11 12.13
N ALA B 159 28.01 -0.53 12.12
CA ALA B 159 27.43 0.14 10.94
C ALA B 159 27.29 -0.81 9.73
N VAL B 160 27.10 -2.10 10.01
CA VAL B 160 26.93 -3.06 8.92
C VAL B 160 25.45 -3.16 8.53
N LEU B 161 25.18 -3.12 7.24
CA LEU B 161 23.85 -3.33 6.73
C LEU B 161 23.81 -4.71 6.07
N LYS B 162 22.71 -5.40 6.24
CA LYS B 162 22.49 -6.68 5.57
C LYS B 162 21.09 -6.73 4.95
N LEU B 163 21.04 -7.09 3.68
CA LEU B 163 19.76 -7.21 3.00
C LEU B 163 19.07 -8.51 3.41
N CYS B 164 17.79 -8.46 3.76
CA CYS B 164 17.06 -9.69 4.08
C CYS B 164 15.74 -9.78 3.35
N ASP B 165 14.95 -10.78 3.75
CA ASP B 165 13.66 -11.12 3.16
C ASP B 165 13.69 -11.35 1.65
N PHE B 166 14.09 -12.55 1.25
CA PHE B 166 14.13 -12.90 -0.16
C PHE B 166 12.86 -13.66 -0.59
N GLY B 167 11.78 -13.45 0.16
CA GLY B 167 10.51 -14.05 -0.19
C GLY B 167 9.95 -13.71 -1.57
N SER B 168 10.27 -12.53 -2.10
CA SER B 168 9.79 -12.12 -3.41
C SER B 168 10.86 -12.22 -4.52
N ALA B 169 12.06 -12.65 -4.16
CA ALA B 169 13.17 -12.62 -5.11
C ALA B 169 13.05 -13.70 -6.19
N LYS B 170 13.44 -13.36 -7.41
CA LYS B 170 13.39 -14.29 -8.55
C LYS B 170 14.43 -13.89 -9.58
N GLN B 171 14.91 -14.87 -10.32
CA GLN B 171 15.80 -14.59 -11.44
C GLN B 171 14.98 -14.07 -12.61
N LEU B 172 15.36 -12.91 -13.12
CA LEU B 172 14.65 -12.29 -14.23
C LEU B 172 15.33 -12.63 -15.56
N VAL B 173 14.66 -13.43 -16.38
CA VAL B 173 15.12 -13.77 -17.71
C VAL B 173 14.41 -12.97 -18.80
N ARG B 174 15.19 -12.46 -19.75
CA ARG B 174 14.66 -11.67 -20.86
C ARG B 174 13.66 -12.50 -21.64
N GLY B 175 12.50 -11.90 -21.92
CA GLY B 175 11.46 -12.60 -22.66
C GLY B 175 10.48 -13.36 -21.79
N GLU B 176 10.81 -13.56 -20.52
CA GLU B 176 9.89 -14.16 -19.56
C GLU B 176 9.09 -13.10 -18.80
N PRO B 177 7.79 -13.32 -18.64
CA PRO B 177 7.01 -12.33 -17.91
C PRO B 177 7.04 -12.60 -16.42
N ASN B 178 6.80 -11.57 -15.61
CA ASN B 178 6.81 -11.71 -14.17
C ASN B 178 5.70 -10.87 -13.61
N VAL B 179 5.15 -11.30 -12.48
CA VAL B 179 3.97 -10.66 -11.88
C VAL B 179 4.30 -9.20 -11.59
N SER B 180 3.32 -8.31 -11.77
CA SER B 180 3.60 -6.87 -11.57
C SER B 180 3.26 -6.44 -10.17
N TYR B 181 2.66 -7.33 -9.40
CA TYR B 181 2.13 -6.89 -8.11
C TYR B 181 3.09 -7.13 -6.96
N ILE B 182 4.38 -7.14 -7.25
CA ILE B 182 5.38 -7.22 -6.19
C ILE B 182 5.76 -5.82 -5.74
N CYS B 183 6.49 -5.75 -4.62
CA CYS B 183 7.14 -4.55 -4.12
C CYS B 183 6.14 -3.72 -3.35
N SER B 184 6.58 -3.08 -2.27
CA SER B 184 5.70 -2.47 -1.29
C SER B 184 5.47 -0.98 -1.49
N ARG B 185 4.48 -0.45 -0.77
CA ARG B 185 3.83 0.83 -1.02
C ARG B 185 4.66 1.97 -1.57
N TYR B 186 5.51 2.56 -0.73
CA TYR B 186 6.21 3.78 -1.16
C TYR B 186 7.42 3.55 -2.09
N TYR B 187 7.68 2.29 -2.45
CA TYR B 187 8.94 1.90 -3.09
C TYR B 187 8.76 1.26 -4.44
N ARG B 188 7.52 1.22 -4.92
CA ARG B 188 7.23 0.67 -6.24
C ARG B 188 7.77 1.59 -7.34
N ALA B 189 8.50 1.02 -8.28
CA ALA B 189 8.91 1.76 -9.46
C ALA B 189 7.68 2.07 -10.32
N PRO B 190 7.73 3.19 -11.07
CA PRO B 190 6.60 3.58 -11.92
C PRO B 190 6.17 2.48 -12.89
N GLU B 191 7.08 1.68 -13.43
CA GLU B 191 6.66 0.63 -14.36
C GLU B 191 5.85 -0.45 -13.65
N LEU B 192 6.08 -0.62 -12.35
CA LEU B 192 5.30 -1.57 -11.57
C LEU B 192 3.90 -1.00 -11.33
N ILE B 193 3.83 0.26 -10.89
CA ILE B 193 2.58 0.93 -10.70
C ILE B 193 1.74 0.85 -11.96
N PHE B 194 2.38 1.07 -13.10
CA PHE B 194 1.75 0.99 -14.41
C PHE B 194 1.45 -0.45 -14.82
N GLY B 195 1.79 -1.42 -13.97
CA GLY B 195 1.47 -2.81 -14.26
C GLY B 195 2.33 -3.49 -15.32
N ALA B 196 3.58 -3.05 -15.46
CA ALA B 196 4.51 -3.69 -16.40
C ALA B 196 4.80 -5.13 -15.96
N THR B 197 4.88 -6.02 -16.95
CA THR B 197 5.15 -7.41 -16.70
C THR B 197 6.57 -7.79 -17.17
N ASP B 198 7.23 -6.85 -17.85
CA ASP B 198 8.51 -7.07 -18.50
C ASP B 198 9.63 -6.26 -17.86
N TYR B 199 9.49 -5.95 -16.58
CA TYR B 199 10.46 -5.11 -15.90
C TYR B 199 11.79 -5.82 -15.67
N THR B 200 12.82 -5.05 -15.34
CA THR B 200 14.13 -5.58 -15.06
C THR B 200 14.51 -5.34 -13.61
N SER B 201 15.76 -5.70 -13.28
CA SER B 201 16.24 -5.54 -11.90
C SER B 201 16.42 -4.08 -11.54
N SER B 202 16.28 -3.19 -12.51
CA SER B 202 16.35 -1.79 -12.20
C SER B 202 15.21 -1.32 -11.28
N ILE B 203 14.15 -2.13 -11.12
CA ILE B 203 13.15 -1.81 -10.10
C ILE B 203 13.81 -1.77 -8.72
N ASP B 204 14.78 -2.66 -8.47
CA ASP B 204 15.49 -2.65 -7.20
C ASP B 204 16.18 -1.30 -7.01
N VAL B 205 16.71 -0.75 -8.10
CA VAL B 205 17.43 0.51 -7.98
C VAL B 205 16.49 1.67 -7.67
N TRP B 206 15.32 1.68 -8.31
CA TRP B 206 14.28 2.65 -7.96
C TRP B 206 13.95 2.65 -6.47
N SER B 207 13.66 1.46 -5.95
CA SER B 207 13.39 1.28 -4.52
C SER B 207 14.52 1.87 -3.65
N ALA B 208 15.76 1.52 -3.99
CA ALA B 208 16.91 2.01 -3.23
C ALA B 208 16.99 3.54 -3.29
N GLY B 209 16.78 4.10 -4.47
CA GLY B 209 16.67 5.54 -4.60
C GLY B 209 15.60 6.12 -3.66
N CYS B 210 14.46 5.41 -3.49
CA CYS B 210 13.41 5.89 -2.56
C CYS B 210 13.89 5.87 -1.13
N VAL B 211 14.62 4.82 -0.76
CA VAL B 211 15.21 4.77 0.57
C VAL B 211 16.17 5.93 0.82
N LEU B 212 17.03 6.22 -0.13
CA LEU B 212 18.02 7.30 0.00
C LEU B 212 17.33 8.63 0.28
N ALA B 213 16.34 8.94 -0.56
CA ALA B 213 15.56 10.18 -0.43
C ALA B 213 14.88 10.26 0.94
N GLU B 214 14.30 9.14 1.36
CA GLU B 214 13.65 9.09 2.66
C GLU B 214 14.65 9.33 3.82
N LEU B 215 15.84 8.74 3.72
CA LEU B 215 16.85 8.96 4.76
C LEU B 215 17.27 10.41 4.80
N LEU B 216 17.31 11.04 3.64
CA LEU B 216 17.64 12.46 3.55
C LEU B 216 16.47 13.39 3.93
N LEU B 217 15.25 13.03 3.54
CA LEU B 217 14.12 13.93 3.80
C LEU B 217 13.58 13.77 5.23
N GLY B 218 13.57 12.54 5.74
CA GLY B 218 13.03 12.30 7.06
C GLY B 218 11.62 11.71 7.01
N GLN B 219 11.17 11.47 5.78
CA GLN B 219 9.87 10.90 5.52
C GLN B 219 9.93 10.35 4.11
N PRO B 220 9.04 9.42 3.74
CA PRO B 220 9.03 8.90 2.36
C PRO B 220 8.85 10.00 1.34
N ILE B 221 9.41 9.82 0.16
CA ILE B 221 9.34 10.85 -0.88
C ILE B 221 8.09 10.70 -1.76
N PHE B 222 7.63 9.47 -1.97
CA PHE B 222 6.46 9.23 -2.81
C PHE B 222 5.42 8.42 -2.04
N PRO B 223 4.79 9.04 -1.03
CA PRO B 223 3.74 8.43 -0.22
C PRO B 223 2.41 8.31 -0.98
N GLY B 224 1.49 7.51 -0.46
CA GLY B 224 0.19 7.36 -1.08
C GLY B 224 -0.31 5.95 -0.83
N ASP B 225 -1.60 5.82 -0.55
CA ASP B 225 -2.15 4.52 -0.23
C ASP B 225 -2.68 3.86 -1.49
N SER B 226 -2.67 4.62 -2.58
CA SER B 226 -3.00 4.06 -3.88
C SER B 226 -1.92 4.41 -4.92
N GLY B 227 -1.88 3.68 -6.02
CA GLY B 227 -0.97 3.99 -7.10
C GLY B 227 -1.16 5.38 -7.65
N VAL B 228 -2.40 5.82 -7.79
CA VAL B 228 -2.65 7.15 -8.35
C VAL B 228 -2.03 8.27 -7.45
N ASP B 229 -2.10 8.11 -6.14
CA ASP B 229 -1.49 9.06 -5.22
C ASP B 229 0.03 9.02 -5.37
N GLN B 230 0.56 7.81 -5.39
CA GLN B 230 1.99 7.60 -5.51
C GLN B 230 2.46 8.25 -6.80
N LEU B 231 1.68 8.07 -7.86
CA LEU B 231 2.05 8.61 -9.16
C LEU B 231 2.03 10.14 -9.16
N VAL B 232 1.02 10.71 -8.52
CA VAL B 232 0.93 12.15 -8.40
C VAL B 232 2.13 12.73 -7.64
N GLU B 233 2.55 12.06 -6.59
CA GLU B 233 3.73 12.51 -5.84
C GLU B 233 5.01 12.45 -6.68
N ILE B 234 5.13 11.40 -7.50
CA ILE B 234 6.29 11.21 -8.35
C ILE B 234 6.38 12.28 -9.41
N ILE B 235 5.26 12.57 -10.05
CA ILE B 235 5.21 13.61 -11.07
C ILE B 235 5.52 14.97 -10.45
N LYS B 236 5.20 15.12 -9.17
CA LYS B 236 5.40 16.40 -8.50
C LYS B 236 6.87 16.69 -8.38
N VAL B 237 7.67 15.64 -8.42
CA VAL B 237 9.12 15.74 -8.36
C VAL B 237 9.75 15.64 -9.76
N LEU B 238 9.57 14.49 -10.40
CA LEU B 238 10.18 14.22 -11.70
C LEU B 238 9.57 15.02 -12.84
N GLY B 239 8.37 15.55 -12.63
CA GLY B 239 7.63 16.23 -13.68
C GLY B 239 6.90 15.22 -14.53
N THR B 240 6.11 15.70 -15.49
CA THR B 240 5.28 14.81 -16.30
C THR B 240 6.07 14.00 -17.34
N PRO B 241 5.90 12.68 -17.32
CA PRO B 241 6.62 11.80 -18.25
C PRO B 241 6.24 12.01 -19.70
N THR B 242 7.21 11.85 -20.57
CA THR B 242 7.02 12.03 -21.99
C THR B 242 6.40 10.80 -22.65
N ARG B 243 6.02 10.95 -23.91
CA ARG B 243 5.44 9.85 -24.67
C ARG B 243 6.43 8.70 -24.71
N GLU B 244 7.69 9.05 -24.98
CA GLU B 244 8.77 8.06 -24.98
C GLU B 244 8.94 7.44 -23.59
N GLN B 245 9.07 8.27 -22.57
CA GLN B 245 9.27 7.78 -21.20
C GLN B 245 8.15 6.82 -20.77
N ILE B 246 6.90 7.13 -21.15
CA ILE B 246 5.77 6.25 -20.80
C ILE B 246 5.94 4.94 -21.56
N ARG B 247 6.28 5.05 -22.84
CA ARG B 247 6.51 3.89 -23.68
C ARG B 247 7.62 3.03 -23.09
N GLU B 248 8.66 3.68 -22.56
CA GLU B 248 9.81 2.99 -21.97
C GLU B 248 9.45 2.14 -20.74
N MET B 249 8.25 2.38 -20.20
CA MET B 249 7.72 1.60 -19.08
C MET B 249 6.69 0.60 -19.61
N ASN B 250 6.18 0.90 -20.81
CA ASN B 250 5.43 0.00 -21.73
C ASN B 250 3.93 0.20 -22.02
N PRO B 251 3.05 0.15 -20.99
CA PRO B 251 1.57 0.22 -21.16
C PRO B 251 0.99 1.07 -22.31
N ASN B 252 0.41 2.21 -21.96
CA ASN B 252 -0.14 3.14 -22.95
C ASN B 252 -0.04 4.59 -22.46
N PRO B 265 12.20 20.13 -9.64
CA PRO B 265 13.34 20.93 -9.18
C PRO B 265 14.09 20.21 -8.07
N TRP B 266 15.06 19.37 -8.42
CA TRP B 266 15.68 18.46 -7.44
C TRP B 266 16.38 19.10 -6.24
N THR B 267 16.98 20.25 -6.42
CA THR B 267 17.70 20.88 -5.31
C THR B 267 16.72 21.36 -4.25
N LYS B 268 15.50 21.66 -4.68
CA LYS B 268 14.46 22.22 -3.82
C LYS B 268 13.52 21.17 -3.20
N VAL B 269 13.72 19.89 -3.49
CA VAL B 269 12.90 18.82 -2.91
C VAL B 269 13.46 18.37 -1.57
N PHE B 270 14.63 18.88 -1.20
CA PHE B 270 15.32 18.50 0.05
C PHE B 270 15.61 19.69 0.95
N ARG B 271 16.07 19.40 2.17
CA ARG B 271 16.50 20.44 3.12
C ARG B 271 17.71 21.22 2.60
N PRO B 272 17.90 22.46 3.09
CA PRO B 272 19.03 23.29 2.66
C PRO B 272 20.41 22.69 2.94
N ARG B 273 20.58 21.98 4.05
CA ARG B 273 21.90 21.48 4.38
C ARG B 273 22.25 20.19 3.64
N THR B 274 21.36 19.74 2.75
CA THR B 274 21.56 18.45 2.07
C THR B 274 22.79 18.52 1.16
N PRO B 275 23.68 17.53 1.27
CA PRO B 275 24.81 17.50 0.34
C PRO B 275 24.34 17.33 -1.11
N PRO B 276 24.82 18.20 -2.01
CA PRO B 276 24.47 18.16 -3.43
C PRO B 276 24.91 16.88 -4.14
N GLU B 277 25.91 16.19 -3.60
CA GLU B 277 26.27 14.89 -4.17
C GLU B 277 25.15 13.87 -3.98
N ALA B 278 24.44 13.96 -2.85
CA ALA B 278 23.34 13.07 -2.55
C ALA B 278 22.14 13.38 -3.44
N ILE B 279 21.88 14.67 -3.63
CA ILE B 279 20.74 15.12 -4.43
C ILE B 279 20.92 14.61 -5.86
N ALA B 280 22.16 14.69 -6.34
CA ALA B 280 22.50 14.25 -7.69
C ALA B 280 22.35 12.75 -7.82
N LEU B 281 22.81 12.04 -6.80
CA LEU B 281 22.68 10.60 -6.80
C LEU B 281 21.19 10.15 -6.87
N CYS B 282 20.32 10.75 -6.06
CA CYS B 282 18.88 10.49 -6.17
C CYS B 282 18.42 10.66 -7.60
N SER B 283 18.73 11.79 -8.21
CA SER B 283 18.21 12.07 -9.54
C SER B 283 18.64 11.01 -10.55
N ARG B 284 19.73 10.29 -10.25
CA ARG B 284 20.20 9.28 -11.19
C ARG B 284 19.67 7.89 -10.86
N LEU B 285 19.04 7.75 -9.70
CA LEU B 285 18.37 6.50 -9.37
C LEU B 285 16.87 6.58 -9.72
N LEU B 286 16.26 7.73 -9.42
CA LEU B 286 14.83 7.96 -9.62
C LEU B 286 14.51 8.48 -11.01
N GLU B 287 14.63 7.62 -12.00
CA GLU B 287 14.40 8.01 -13.39
C GLU B 287 13.22 7.24 -13.95
N TYR B 288 12.38 7.91 -14.73
CA TYR B 288 11.28 7.20 -15.39
C TYR B 288 11.82 6.05 -16.23
N THR B 289 12.72 6.32 -17.18
CA THR B 289 13.26 5.29 -18.06
C THR B 289 14.10 4.26 -17.31
N PRO B 290 13.60 3.02 -17.24
CA PRO B 290 14.25 2.03 -16.36
C PRO B 290 15.69 1.71 -16.77
N THR B 291 16.08 1.98 -18.01
CA THR B 291 17.48 1.77 -18.43
C THR B 291 18.37 2.99 -18.19
N ALA B 292 17.79 4.12 -17.81
CA ALA B 292 18.59 5.32 -17.58
C ALA B 292 19.10 5.35 -16.16
N ARG B 293 18.59 4.45 -15.33
CA ARG B 293 18.97 4.43 -13.93
C ARG B 293 20.38 3.91 -13.79
N LEU B 294 21.08 4.31 -12.74
CA LEU B 294 22.37 3.71 -12.44
C LEU B 294 22.20 2.22 -12.19
N THR B 295 23.21 1.44 -12.59
CA THR B 295 23.30 0.07 -12.10
C THR B 295 23.83 0.19 -10.69
N PRO B 296 23.60 -0.83 -9.86
CA PRO B 296 24.12 -0.78 -8.49
C PRO B 296 25.63 -0.49 -8.40
N LEU B 297 26.41 -1.18 -9.21
CA LEU B 297 27.85 -1.01 -9.14
C LEU B 297 28.26 0.43 -9.50
N GLU B 298 27.58 1.00 -10.48
CA GLU B 298 27.86 2.38 -10.88
C GLU B 298 27.56 3.34 -9.74
N ALA B 299 26.51 3.03 -8.99
CA ALA B 299 26.10 3.87 -7.86
C ALA B 299 27.09 3.82 -6.70
N CYS B 300 27.61 2.62 -6.43
CA CYS B 300 28.70 2.48 -5.47
C CYS B 300 29.86 3.42 -5.82
N ALA B 301 30.10 3.60 -7.13
CA ALA B 301 31.21 4.41 -7.64
C ALA B 301 30.90 5.90 -7.70
N HIS B 302 29.73 6.29 -7.21
CA HIS B 302 29.28 7.68 -7.29
C HIS B 302 30.04 8.58 -6.33
N SER B 303 30.21 9.85 -6.68
CA SER B 303 31.05 10.74 -5.89
C SER B 303 30.52 10.95 -4.47
N PHE B 304 29.21 10.76 -4.30
CA PHE B 304 28.59 10.84 -2.97
C PHE B 304 29.26 9.91 -1.97
N PHE B 305 29.85 8.84 -2.45
CA PHE B 305 30.46 7.90 -1.53
C PHE B 305 31.96 8.10 -1.38
N ASP B 306 32.50 9.15 -2.01
CA ASP B 306 33.95 9.36 -2.04
C ASP B 306 34.53 9.30 -0.63
N GLU B 307 33.89 9.98 0.32
CA GLU B 307 34.34 9.99 1.70
C GLU B 307 34.57 8.58 2.25
N LEU B 308 33.76 7.61 1.83
CA LEU B 308 33.92 6.25 2.36
C LEU B 308 35.23 5.60 1.92
N ARG B 309 35.84 6.13 0.86
CA ARG B 309 37.03 5.50 0.31
C ARG B 309 38.29 6.15 0.84
N ASP B 310 38.11 7.21 1.62
CA ASP B 310 39.19 7.84 2.34
C ASP B 310 39.71 6.88 3.41
N PRO B 311 41.03 6.67 3.47
CA PRO B 311 41.62 5.75 4.46
C PRO B 311 41.44 6.26 5.88
N ASN B 312 41.32 7.58 6.02
CA ASN B 312 41.28 8.20 7.34
C ASN B 312 39.89 8.23 7.99
N VAL B 313 38.82 7.98 7.23
CA VAL B 313 37.43 8.07 7.74
C VAL B 313 37.14 7.05 8.86
N LYS B 314 36.44 7.50 9.90
CA LYS B 314 36.04 6.62 11.01
C LYS B 314 34.57 6.84 11.46
N LEU B 315 34.03 5.90 12.23
CA LEU B 315 32.65 5.99 12.73
C LEU B 315 32.50 7.01 13.87
N PRO B 316 31.29 7.56 14.06
CA PRO B 316 31.05 8.49 15.17
C PRO B 316 31.35 7.90 16.53
N ASN B 317 31.22 6.57 16.67
CA ASN B 317 31.51 5.96 17.96
C ASN B 317 32.99 5.63 18.17
N GLY B 318 33.86 6.00 17.23
CA GLY B 318 35.27 5.70 17.37
C GLY B 318 35.76 4.49 16.58
N ARG B 319 34.92 3.47 16.44
CA ARG B 319 35.29 2.26 15.70
C ARG B 319 35.61 2.53 14.22
N ASP B 320 36.22 1.54 13.57
CA ASP B 320 36.54 1.64 12.16
C ASP B 320 35.33 1.32 11.29
N THR B 321 35.42 1.71 10.02
CA THR B 321 34.38 1.41 9.09
C THR B 321 34.37 -0.10 8.83
N PRO B 322 33.20 -0.64 8.46
CA PRO B 322 33.14 -2.06 8.12
C PRO B 322 33.75 -2.32 6.75
N ALA B 323 33.84 -3.59 6.37
CA ALA B 323 34.32 -4.01 5.05
C ALA B 323 33.56 -3.28 3.92
N LEU B 324 34.30 -2.65 3.03
CA LEU B 324 33.68 -1.90 1.95
C LEU B 324 34.26 -2.23 0.57
N PHE B 325 35.42 -2.87 0.52
CA PHE B 325 36.16 -2.98 -0.74
C PHE B 325 36.56 -4.41 -1.15
N ASN B 326 36.21 -5.40 -0.34
CA ASN B 326 36.48 -6.80 -0.65
C ASN B 326 35.69 -7.32 -1.87
N PHE B 327 35.76 -6.59 -2.97
CA PHE B 327 35.05 -6.97 -4.19
C PHE B 327 35.56 -8.25 -4.82
N THR B 328 34.62 -9.11 -5.21
CA THR B 328 34.94 -10.30 -5.98
C THR B 328 34.66 -10.02 -7.45
N THR B 329 35.24 -10.81 -8.34
CA THR B 329 35.00 -10.59 -9.78
C THR B 329 33.50 -10.78 -10.05
N GLN B 330 32.87 -11.66 -9.29
CA GLN B 330 31.43 -11.85 -9.41
C GLN B 330 30.69 -10.52 -9.24
N GLU B 331 30.93 -9.82 -8.14
CA GLU B 331 30.29 -8.52 -7.93
C GLU B 331 30.66 -7.53 -9.00
N LEU B 332 31.88 -7.64 -9.52
CA LEU B 332 32.37 -6.64 -10.46
C LEU B 332 32.04 -7.00 -11.90
N SER B 333 31.49 -8.20 -12.09
CA SER B 333 31.23 -8.77 -13.43
C SER B 333 30.35 -7.87 -14.29
N SER B 334 29.40 -7.21 -13.66
CA SER B 334 28.62 -6.17 -14.31
C SER B 334 29.50 -5.20 -15.13
N ASN B 335 30.60 -4.75 -14.54
CA ASN B 335 31.39 -3.70 -15.17
C ASN B 335 32.80 -3.63 -14.55
N PRO B 336 33.61 -4.64 -14.85
CA PRO B 336 34.92 -4.83 -14.21
C PRO B 336 35.81 -3.58 -14.15
N PRO B 337 35.88 -2.77 -15.22
CA PRO B 337 36.74 -1.59 -15.06
C PRO B 337 36.35 -0.62 -13.93
N LEU B 338 35.15 -0.75 -13.36
CA LEU B 338 34.79 0.15 -12.27
C LEU B 338 35.62 -0.12 -11.03
N ALA B 339 36.41 -1.19 -11.06
CA ALA B 339 37.27 -1.52 -9.91
C ALA B 339 38.20 -0.35 -9.65
N THR B 340 38.45 0.40 -10.71
CA THR B 340 39.31 1.59 -10.72
C THR B 340 38.93 2.67 -9.72
N ILE B 341 37.63 2.91 -9.59
CA ILE B 341 37.06 3.81 -8.60
C ILE B 341 36.77 3.05 -7.32
N LEU B 342 36.25 1.83 -7.45
CA LEU B 342 35.70 1.10 -6.32
C LEU B 342 36.73 0.65 -5.29
N ILE B 343 37.88 0.14 -5.73
CA ILE B 343 38.91 -0.29 -4.78
C ILE B 343 40.00 0.78 -4.62
N PRO B 344 39.95 1.56 -3.52
CA PRO B 344 40.88 2.68 -3.32
C PRO B 344 42.33 2.23 -3.06
N PRO B 345 43.33 3.11 -3.32
CA PRO B 345 44.74 2.68 -3.26
C PRO B 345 45.13 1.98 -1.97
N HIS B 346 44.62 2.40 -0.81
CA HIS B 346 45.10 1.79 0.41
C HIS B 346 44.53 0.40 0.56
N ALA B 347 43.47 0.11 -0.20
CA ALA B 347 42.85 -1.20 -0.18
C ALA B 347 43.60 -2.15 -1.11
N ARG B 348 44.54 -1.61 -1.88
CA ARG B 348 45.31 -2.45 -2.78
C ARG B 348 46.63 -2.91 -2.17
N ILE B 349 47.09 -2.19 -1.17
CA ILE B 349 48.41 -2.41 -0.58
C ILE B 349 48.65 -3.84 -0.08
N GLN B 350 49.76 -4.43 -0.54
CA GLN B 350 50.19 -5.78 -0.13
C GLN B 350 51.08 -5.78 1.12
#